data_9FXS
#
_entry.id   9FXS
#
_cell.length_a   1.00
_cell.length_b   1.00
_cell.length_c   1.00
_cell.angle_alpha   90.00
_cell.angle_beta   90.00
_cell.angle_gamma   90.00
#
_symmetry.space_group_name_H-M   'P 1'
#
loop_
_entity.id
_entity.type
_entity.pdbx_description
1 polymer 'Fimbrin-like protein FimI'
2 polymer 'Chaperone protein FimC'
3 polymer 'Outer membrane usher protein FimD'
#
loop_
_entity_poly.entity_id
_entity_poly.type
_entity_poly.pdbx_seq_one_letter_code
_entity_poly.pdbx_strand_id
1 'polypeptide(L)'
;GNKWNTTLPGGNMQFQGVIIAETCRIEAGDKQMTVNMGQISSNRFHAVGEDSAPVPFVIHLRECSTVVSERVGVAFHGVA
DGKNPDVLSVGEGPGIATNIGVALFDDEGNLVPINRPPANWKRLYSGSTSLHFIAKYRATGRRVTGGIANAQAWFSLTYQ
;
B,I
2 'polypeptide(L)'
;MGVALGATRVIYPAGQKQEQLAVTNNDENSTYLIQSWVENADGVKDGRFIVTPPLFAMKGKKENTLRILDATNNQLPQDR
ESLFWMNVKAIPSMDKSKLTENTLQLAIISRIKLYYRPAKLALPPDQAAEKLRFRRSANSLTLINPTPYYLTVTELNAGT
RVLENALVPPMGESTVKLPSDAGSNITYRTINDYGALTPKMTGVMEHHHHHH
;
C
3 'polypeptide(L)'
;DLYFNPRFLADDPQAVADLSRFENGQELPPGTYRVDIYLNNGYMATRDVTFNTGDSEQGIVPCLTRAQLASMGLNTASVA
GMNLLADDACVPLTTMVQDATAHLDVGQQRLNLTIPQAFMSNRARGYIPPELWDPGINAGLLNYNFSGNSVQNRIGGNSH
YAYLNLQSGLNIGAWRLRDNTTWSYNSSDRSSGSKNKWQHINTWLERDIIPLRSRLTLGDGYTQGDIFDGINFRGAQLAS
DDNMLPDSQRGFAPVIHGIARGTAQVTIKQNGYDIYNSTVPPGPFTINDIYAAGNSGDLQVTIKEADGSTQIFTVPYSSV
PLLQREGHTRYSITAGEYRSGNAQQEKPRFFQSTLLHGLPAGWTIYGGTQLADRYRAFNFGIGKNMGALGALSVDMTQAN
STLPDDSQHDGQSVRFLYNKSLNESGTNIQLVGYRYSTSGYFNFADTTYSRMNGYNIETQDGVIQVKPKFTDYYNLAYNK
RGKLQLTVTQQLGRTSTLYLSGSHQTYWGTSNVDEQFQAGLNTAFEDINWTLSYSLTKNAWQKGRDQMLALNVNIPFSHW
LRSDSKSQWRHASASYSMSHDLNGRMTNLAGVYGTLLEDNNLSYSVQTGYAGGGDGNSGSTGYATLNYRGGYGNANIGYS
HSDDIKQLYYGVSGGVLAHANGVTLGQPLNDTVVLVKAPGAKDAKVENQTGVRTDWRGYAVLPYATEYRENRVALDTNTL
ADNVDLDNAVANVVPTRGAIVRAEFKARVGIKLLMTLTHNNKPLPFGAMVTSESSQSSGIVADNGQVYLSGMPLAGKVQV
KWGEEENAHCVANYQLPPESQQQLLTQLSAECRLVPRGSWSHPQFEK
;
D
#
# COMPACT_ATOMS: atom_id res chain seq x y z
N CYS A 24 -6.34 -11.59 -29.99
CA CYS A 24 -6.24 -12.28 -28.70
C CYS A 24 -7.28 -11.76 -27.72
N ARG A 25 -8.26 -12.60 -27.42
CA ARG A 25 -9.37 -12.22 -26.55
C ARG A 25 -8.96 -12.33 -25.09
N ILE A 26 -9.35 -11.33 -24.29
CA ILE A 26 -9.10 -11.36 -22.87
C ILE A 26 -10.11 -12.28 -22.19
N GLU A 27 -9.77 -12.71 -20.97
CA GLU A 27 -10.71 -13.50 -20.19
C GLU A 27 -11.89 -12.63 -19.75
N ALA A 28 -13.08 -13.20 -19.83
CA ALA A 28 -14.28 -12.44 -19.49
C ALA A 28 -14.29 -12.03 -18.02
N GLY A 29 -13.71 -12.86 -17.15
CA GLY A 29 -13.66 -12.51 -15.74
C GLY A 29 -12.79 -11.30 -15.46
N ASP A 30 -11.69 -11.16 -16.20
CA ASP A 30 -10.76 -10.06 -15.96
C ASP A 30 -11.33 -8.70 -16.36
N LYS A 31 -12.35 -8.67 -17.22
CA LYS A 31 -12.89 -7.40 -17.67
C LYS A 31 -13.62 -6.65 -16.55
N GLN A 32 -14.05 -7.35 -15.50
CA GLN A 32 -14.73 -6.73 -14.37
C GLN A 32 -14.11 -7.31 -13.09
N MET A 33 -13.09 -6.64 -12.58
CA MET A 33 -12.40 -7.08 -11.38
C MET A 33 -12.22 -5.91 -10.43
N THR A 34 -12.28 -6.22 -9.13
CA THR A 34 -12.09 -5.24 -8.08
C THR A 34 -10.89 -5.64 -7.22
N VAL A 35 -10.02 -4.69 -6.93
CA VAL A 35 -8.82 -4.91 -6.14
C VAL A 35 -8.95 -4.14 -4.84
N ASN A 36 -8.78 -4.85 -3.72
CA ASN A 36 -8.90 -4.27 -2.39
C ASN A 36 -7.50 -4.02 -1.82
N MET A 37 -7.24 -2.79 -1.41
CA MET A 37 -5.96 -2.39 -0.83
C MET A 37 -5.92 -2.56 0.68
N GLY A 38 -7.04 -2.86 1.32
CA GLY A 38 -7.06 -2.97 2.77
C GLY A 38 -7.03 -1.61 3.43
N GLN A 39 -6.43 -1.59 4.62
CA GLN A 39 -6.31 -0.37 5.42
C GLN A 39 -4.85 0.02 5.54
N ILE A 40 -4.57 1.32 5.39
CA ILE A 40 -3.22 1.85 5.42
C ILE A 40 -3.15 2.96 6.48
N SER A 41 -2.12 2.90 7.32
CA SER A 41 -1.93 3.91 8.35
C SER A 41 -1.48 5.23 7.73
N SER A 42 -2.10 6.33 8.18
CA SER A 42 -1.85 7.63 7.56
C SER A 42 -0.39 8.04 7.70
N ASN A 43 0.20 7.85 8.89
CA ASN A 43 1.59 8.23 9.08
C ASN A 43 2.55 7.39 8.23
N ARG A 44 2.05 6.37 7.53
CA ARG A 44 2.86 5.68 6.54
C ARG A 44 3.34 6.62 5.46
N PHE A 45 2.63 7.74 5.25
CA PHE A 45 3.00 8.74 4.26
C PHE A 45 3.48 9.98 5.00
N HIS A 46 4.80 10.13 5.14
CA HIS A 46 5.36 11.32 5.76
C HIS A 46 5.30 12.51 4.81
N ALA A 47 5.97 12.39 3.66
CA ALA A 47 6.00 13.41 2.64
C ALA A 47 5.46 12.84 1.34
N VAL A 48 5.38 13.70 0.32
CA VAL A 48 4.86 13.28 -0.97
C VAL A 48 5.84 12.33 -1.65
N GLY A 49 5.29 11.40 -2.42
CA GLY A 49 6.06 10.44 -3.18
C GLY A 49 6.17 9.07 -2.56
N GLU A 50 5.89 8.93 -1.27
CA GLU A 50 5.98 7.63 -0.62
C GLU A 50 4.80 6.75 -1.02
N ASP A 51 5.02 5.44 -0.98
CA ASP A 51 4.03 4.46 -1.40
C ASP A 51 3.69 3.52 -0.26
N SER A 52 2.49 2.96 -0.31
CA SER A 52 1.99 2.06 0.73
C SER A 52 2.33 0.62 0.36
N ALA A 53 1.71 -0.33 1.06
CA ALA A 53 1.95 -1.73 0.78
C ALA A 53 1.43 -2.09 -0.61
N PRO A 54 2.25 -2.68 -1.47
CA PRO A 54 1.80 -3.01 -2.83
C PRO A 54 0.75 -4.10 -2.83
N VAL A 55 -0.11 -4.08 -3.84
CA VAL A 55 -1.10 -5.12 -4.05
C VAL A 55 -1.04 -5.54 -5.52
N PRO A 56 -0.86 -6.83 -5.83
CA PRO A 56 -0.75 -7.24 -7.23
C PRO A 56 -2.09 -7.63 -7.83
N PHE A 57 -2.13 -7.54 -9.16
CA PHE A 57 -3.27 -8.05 -9.92
C PHE A 57 -2.80 -8.49 -11.30
N VAL A 58 -3.49 -9.48 -11.86
CA VAL A 58 -3.07 -10.12 -13.10
C VAL A 58 -4.17 -10.00 -14.14
N ILE A 59 -3.76 -10.05 -15.40
CA ILE A 59 -4.65 -10.04 -16.55
C ILE A 59 -4.27 -11.20 -17.45
N HIS A 60 -5.26 -11.99 -17.86
CA HIS A 60 -5.04 -13.19 -18.64
C HIS A 60 -5.49 -12.98 -20.08
N LEU A 61 -4.63 -13.37 -21.02
CA LEU A 61 -4.94 -13.36 -22.44
C LEU A 61 -4.94 -14.79 -22.95
N ARG A 62 -6.04 -15.20 -23.56
CA ARG A 62 -6.22 -16.56 -24.04
C ARG A 62 -6.23 -16.57 -25.57
N GLU A 63 -6.10 -17.79 -26.12
CA GLU A 63 -6.17 -18.08 -27.56
C GLU A 63 -5.39 -17.07 -28.40
N CYS A 64 -4.29 -16.54 -27.84
CA CYS A 64 -3.54 -15.51 -28.53
C CYS A 64 -2.76 -16.11 -29.71
N SER A 65 -2.74 -15.37 -30.81
CA SER A 65 -2.02 -15.77 -32.01
C SER A 65 -0.85 -14.83 -32.24
N THR A 66 0.35 -15.41 -32.37
CA THR A 66 1.57 -14.62 -32.53
C THR A 66 1.85 -14.25 -33.98
N VAL A 67 1.10 -14.80 -34.94
CA VAL A 67 1.36 -14.50 -36.35
C VAL A 67 1.07 -13.04 -36.65
N VAL A 68 -0.07 -12.54 -36.16
CA VAL A 68 -0.43 -11.14 -36.41
C VAL A 68 0.51 -10.21 -35.67
N SER A 69 0.76 -10.47 -34.39
CA SER A 69 1.65 -9.63 -33.61
C SER A 69 2.21 -10.46 -32.45
N GLU A 70 3.41 -10.10 -32.02
CA GLU A 70 4.09 -10.77 -30.92
C GLU A 70 4.34 -9.88 -29.72
N ARG A 71 3.92 -8.61 -29.77
CA ARG A 71 4.19 -7.65 -28.72
C ARG A 71 2.92 -6.89 -28.37
N VAL A 72 2.69 -6.67 -27.07
CA VAL A 72 1.53 -5.92 -26.62
C VAL A 72 1.94 -4.91 -25.55
N GLY A 73 1.11 -3.88 -25.41
CA GLY A 73 1.29 -2.90 -24.36
C GLY A 73 -0.06 -2.57 -23.74
N VAL A 74 0.00 -2.05 -22.52
CA VAL A 74 -1.19 -1.73 -21.74
C VAL A 74 -1.25 -0.24 -21.51
N ALA A 75 -2.42 0.36 -21.78
CA ALA A 75 -2.67 1.77 -21.56
C ALA A 75 -3.80 1.93 -20.56
N PHE A 76 -3.56 2.70 -19.52
CA PHE A 76 -4.55 2.92 -18.46
C PHE A 76 -5.09 4.34 -18.57
N HIS A 77 -6.37 4.46 -18.89
CA HIS A 77 -7.04 5.73 -18.99
C HIS A 77 -7.95 5.91 -17.78
N GLY A 78 -7.83 7.06 -17.12
CA GLY A 78 -8.62 7.32 -15.94
C GLY A 78 -8.59 8.79 -15.58
N VAL A 79 -9.18 9.10 -14.43
CA VAL A 79 -9.25 10.48 -13.95
C VAL A 79 -7.96 10.80 -13.20
N ALA A 80 -7.22 11.78 -13.71
CA ALA A 80 -5.97 12.18 -13.08
C ALA A 80 -6.24 13.17 -11.94
N ASP A 81 -5.38 13.11 -10.92
CA ASP A 81 -5.54 13.97 -9.76
C ASP A 81 -5.25 15.42 -10.10
N GLY A 82 -5.81 16.33 -9.30
CA GLY A 82 -5.65 17.75 -9.53
C GLY A 82 -4.26 18.27 -9.25
N LYS A 83 -3.52 17.63 -8.36
CA LYS A 83 -2.18 18.06 -8.02
C LYS A 83 -1.09 17.19 -8.63
N ASN A 84 -1.46 16.05 -9.24
CA ASN A 84 -0.49 15.18 -9.87
C ASN A 84 -1.17 14.39 -10.99
N PRO A 85 -0.79 14.62 -12.25
CA PRO A 85 -1.41 13.89 -13.36
C PRO A 85 -0.84 12.50 -13.60
N ASP A 86 -0.08 11.95 -12.66
CA ASP A 86 0.52 10.63 -12.80
C ASP A 86 -0.18 9.56 -11.97
N VAL A 87 -1.13 9.94 -11.12
CA VAL A 87 -1.85 9.01 -10.27
C VAL A 87 -3.34 9.17 -10.50
N LEU A 88 -4.10 8.20 -10.00
CA LEU A 88 -5.55 8.19 -10.16
C LEU A 88 -6.19 9.20 -9.21
N SER A 89 -7.52 9.25 -9.24
CA SER A 89 -8.29 10.17 -8.41
C SER A 89 -9.22 9.39 -7.50
N VAL A 90 -9.46 9.93 -6.31
CA VAL A 90 -10.33 9.30 -5.32
C VAL A 90 -11.66 10.03 -5.16
N GLY A 91 -11.91 11.07 -5.96
CA GLY A 91 -13.13 11.82 -5.86
C GLY A 91 -13.11 12.83 -4.74
N GLU A 92 -14.23 13.56 -4.63
CA GLU A 92 -14.40 14.59 -3.62
C GLU A 92 -15.74 14.41 -2.92
N GLY A 93 -15.77 14.75 -1.64
CA GLY A 93 -16.98 14.65 -0.85
C GLY A 93 -16.71 14.25 0.59
N PRO A 94 -17.76 14.26 1.41
CA PRO A 94 -17.60 13.86 2.82
C PRO A 94 -17.18 12.41 2.94
N GLY A 95 -16.35 12.13 3.94
CA GLY A 95 -15.89 10.77 4.18
C GLY A 95 -14.96 10.23 3.12
N ILE A 96 -14.31 11.10 2.35
CA ILE A 96 -13.42 10.70 1.27
C ILE A 96 -12.02 11.20 1.60
N ALA A 97 -11.04 10.30 1.53
CA ALA A 97 -9.66 10.67 1.81
C ALA A 97 -9.17 11.67 0.78
N THR A 98 -8.33 12.61 1.24
CA THR A 98 -7.81 13.67 0.40
C THR A 98 -6.29 13.55 0.30
N ASN A 99 -5.75 14.12 -0.78
CA ASN A 99 -4.31 14.17 -1.04
C ASN A 99 -3.71 12.77 -1.14
N ILE A 100 -4.51 11.79 -1.57
CA ILE A 100 -4.06 10.42 -1.75
C ILE A 100 -4.59 9.91 -3.08
N GLY A 101 -3.70 9.28 -3.87
CA GLY A 101 -4.09 8.72 -5.15
C GLY A 101 -3.60 7.28 -5.27
N VAL A 102 -4.03 6.64 -6.36
CA VAL A 102 -3.68 5.27 -6.65
C VAL A 102 -2.67 5.26 -7.79
N ALA A 103 -1.53 4.62 -7.59
CA ALA A 103 -0.47 4.54 -8.57
C ALA A 103 -0.31 3.10 -9.05
N LEU A 104 -0.14 2.93 -10.36
CA LEU A 104 0.02 1.63 -10.99
C LEU A 104 1.44 1.49 -11.50
N PHE A 105 2.06 0.35 -11.23
CA PHE A 105 3.42 0.06 -11.64
C PHE A 105 3.46 -1.27 -12.37
N ASP A 106 4.42 -1.39 -13.28
CA ASP A 106 4.61 -2.62 -14.05
C ASP A 106 5.33 -3.65 -13.20
N ASP A 107 5.53 -4.84 -13.78
CA ASP A 107 6.19 -5.92 -13.06
C ASP A 107 7.64 -5.60 -12.72
N GLU A 108 8.28 -4.72 -13.49
CA GLU A 108 9.67 -4.34 -13.24
C GLU A 108 9.79 -3.22 -12.21
N GLY A 109 8.69 -2.70 -11.70
CA GLY A 109 8.71 -1.65 -10.70
C GLY A 109 8.76 -0.24 -11.24
N ASN A 110 8.89 -0.07 -12.56
CA ASN A 110 8.92 1.26 -13.14
C ASN A 110 7.52 1.85 -13.21
N LEU A 111 7.42 3.14 -12.89
CA LEU A 111 6.13 3.82 -12.95
C LEU A 111 5.67 3.97 -14.38
N VAL A 112 4.38 3.71 -14.61
CA VAL A 112 3.75 3.91 -15.92
C VAL A 112 2.80 5.09 -15.80
N PRO A 113 2.96 6.13 -16.62
CA PRO A 113 2.05 7.28 -16.55
C PRO A 113 0.69 6.92 -17.10
N ILE A 114 -0.35 7.16 -16.30
CA ILE A 114 -1.70 6.84 -16.73
C ILE A 114 -2.15 7.81 -17.82
N ASN A 115 -3.21 7.41 -18.53
CA ASN A 115 -3.82 8.22 -19.58
C ASN A 115 -2.81 8.57 -20.67
N ARG A 116 -1.93 7.62 -20.98
CA ARG A 116 -0.91 7.78 -22.01
C ARG A 116 -0.77 6.47 -22.76
N PRO A 117 -0.27 6.52 -24.00
CA PRO A 117 -0.04 5.29 -24.74
C PRO A 117 0.99 4.43 -24.03
N PRO A 118 0.90 3.11 -24.18
CA PRO A 118 1.80 2.22 -23.45
C PRO A 118 3.26 2.49 -23.77
N ALA A 119 4.11 2.37 -22.75
CA ALA A 119 5.55 2.55 -22.90
C ALA A 119 6.33 1.26 -22.75
N ASN A 120 5.92 0.39 -21.85
CA ASN A 120 6.56 -0.91 -21.65
C ASN A 120 5.79 -1.97 -22.42
N TRP A 121 6.50 -2.78 -23.19
CA TRP A 121 5.89 -3.78 -24.06
C TRP A 121 6.32 -5.18 -23.65
N LYS A 122 5.42 -6.14 -23.82
CA LYS A 122 5.63 -7.51 -23.40
C LYS A 122 5.42 -8.46 -24.56
N ARG A 123 6.17 -9.56 -24.52
CA ARG A 123 6.12 -10.59 -25.56
C ARG A 123 4.87 -11.46 -25.40
N LEU A 124 4.52 -12.15 -26.48
CA LEU A 124 3.37 -13.03 -26.49
C LEU A 124 3.80 -14.47 -26.68
N TYR A 125 3.12 -15.38 -25.99
CA TYR A 125 3.31 -16.81 -26.16
C TYR A 125 2.01 -17.43 -26.64
N SER A 126 2.13 -18.40 -27.55
CA SER A 126 0.94 -19.06 -28.08
C SER A 126 0.18 -19.77 -26.97
N GLY A 127 -1.13 -19.56 -26.94
CA GLY A 127 -1.97 -20.14 -25.90
C GLY A 127 -2.38 -19.14 -24.84
N SER A 128 -1.72 -19.17 -23.69
CA SER A 128 -2.07 -18.34 -22.55
C SER A 128 -0.93 -17.39 -22.21
N THR A 129 -1.28 -16.16 -21.84
CA THR A 129 -0.32 -15.15 -21.42
C THR A 129 -0.86 -14.47 -20.17
N SER A 130 0.04 -14.17 -19.22
CA SER A 130 -0.34 -13.52 -17.98
C SER A 130 0.48 -12.26 -17.80
N LEU A 131 -0.19 -11.15 -17.48
CA LEU A 131 0.47 -9.87 -17.23
C LEU A 131 0.21 -9.46 -15.79
N HIS A 132 1.27 -9.08 -15.08
CA HIS A 132 1.20 -8.72 -13.68
C HIS A 132 1.39 -7.22 -13.51
N PHE A 133 0.66 -6.63 -12.57
CA PHE A 133 0.79 -5.21 -12.28
C PHE A 133 0.60 -4.99 -10.79
N ILE A 134 1.08 -3.84 -10.32
CA ILE A 134 1.10 -3.52 -8.89
C ILE A 134 0.35 -2.22 -8.67
N ALA A 135 -0.49 -2.19 -7.63
CA ALA A 135 -1.20 -0.99 -7.22
C ALA A 135 -0.70 -0.56 -5.85
N LYS A 136 -0.47 0.75 -5.70
CA LYS A 136 -0.01 1.32 -4.44
C LYS A 136 -0.72 2.63 -4.18
N TYR A 137 -0.60 3.12 -2.95
CA TYR A 137 -1.13 4.42 -2.57
C TYR A 137 -0.01 5.45 -2.57
N ARG A 138 -0.21 6.54 -3.30
CA ARG A 138 0.77 7.61 -3.40
C ARG A 138 0.22 8.87 -2.76
N ALA A 139 1.06 9.55 -1.98
CA ALA A 139 0.67 10.77 -1.30
C ALA A 139 1.04 11.97 -2.16
N THR A 140 0.04 12.74 -2.57
CA THR A 140 0.24 13.95 -3.35
C THR A 140 0.11 15.22 -2.50
N GLY A 141 -0.03 15.07 -1.19
CA GLY A 141 -0.17 16.22 -0.31
C GLY A 141 0.73 16.09 0.90
N ARG A 142 0.92 17.22 1.58
CA ARG A 142 1.78 17.24 2.76
C ARG A 142 1.20 16.39 3.88
N ARG A 143 -0.10 16.47 4.10
CA ARG A 143 -0.77 15.73 5.16
C ARG A 143 -1.81 14.79 4.57
N VAL A 144 -2.04 13.68 5.26
CA VAL A 144 -2.95 12.63 4.80
C VAL A 144 -4.19 12.64 5.68
N THR A 145 -5.35 12.68 5.04
CA THR A 145 -6.63 12.65 5.74
C THR A 145 -7.28 11.29 5.51
N GLY A 146 -7.77 10.68 6.59
CA GLY A 146 -8.37 9.37 6.48
C GLY A 146 -9.71 9.39 5.77
N GLY A 147 -10.13 8.20 5.34
CA GLY A 147 -11.40 8.06 4.66
C GLY A 147 -11.36 7.05 3.53
N ILE A 148 -12.49 6.89 2.83
CA ILE A 148 -12.55 5.97 1.70
C ILE A 148 -11.80 6.57 0.52
N ALA A 149 -11.01 5.74 -0.15
CA ALA A 149 -10.20 6.15 -1.30
C ALA A 149 -10.48 5.27 -2.50
N ASN A 150 -11.75 5.04 -2.79
CA ASN A 150 -12.12 4.22 -3.93
C ASN A 150 -11.78 4.93 -5.23
N ALA A 151 -11.53 4.13 -6.27
CA ALA A 151 -11.14 4.66 -7.56
C ALA A 151 -11.63 3.73 -8.66
N GLN A 152 -11.73 4.28 -9.87
CA GLN A 152 -12.16 3.51 -11.03
C GLN A 152 -11.30 3.87 -12.23
N ALA A 153 -10.92 2.86 -13.00
CA ALA A 153 -10.13 3.06 -14.20
C ALA A 153 -10.46 1.95 -15.19
N TRP A 154 -9.62 1.80 -16.21
CA TRP A 154 -9.75 0.68 -17.13
C TRP A 154 -8.44 0.53 -17.90
N PHE A 155 -8.33 -0.58 -18.62
CA PHE A 155 -7.14 -0.92 -19.37
C PHE A 155 -7.48 -1.15 -20.83
N SER A 156 -6.54 -0.82 -21.70
CA SER A 156 -6.66 -1.07 -23.13
C SER A 156 -5.38 -1.70 -23.64
N LEU A 157 -5.52 -2.57 -24.63
CA LEU A 157 -4.40 -3.32 -25.19
C LEU A 157 -4.03 -2.76 -26.54
N THR A 158 -2.75 -2.46 -26.72
CA THR A 158 -2.21 -2.00 -28.00
C THR A 158 -1.28 -3.07 -28.54
N TYR A 159 -1.62 -3.62 -29.71
CA TYR A 159 -0.84 -4.69 -30.32
C TYR A 159 0.22 -4.10 -31.25
N GLN A 160 1.25 -4.89 -31.51
CA GLN A 160 2.29 -4.48 -32.46
C GLN A 160 1.73 -4.43 -33.87
N GLY B 2 8.07 6.60 19.79
CA GLY B 2 8.27 5.17 19.64
C GLY B 2 6.98 4.38 19.59
N VAL B 3 6.32 4.26 20.75
CA VAL B 3 5.05 3.54 20.81
C VAL B 3 3.97 4.32 20.07
N ALA B 4 3.19 3.61 19.25
CA ALA B 4 2.14 4.25 18.48
C ALA B 4 0.98 3.28 18.32
N LEU B 5 -0.24 3.81 18.41
CA LEU B 5 -1.45 3.05 18.18
C LEU B 5 -1.86 3.17 16.71
N GLY B 6 -2.58 2.15 16.23
CA GLY B 6 -3.01 2.12 14.85
C GLY B 6 -4.28 2.87 14.53
N ALA B 7 -5.00 3.35 15.55
CA ALA B 7 -6.24 4.07 15.32
C ALA B 7 -6.50 5.00 16.49
N THR B 8 -7.04 6.18 16.19
CA THR B 8 -7.39 7.12 17.24
C THR B 8 -8.66 6.70 17.99
N ARG B 9 -9.48 5.83 17.40
CA ARG B 9 -10.69 5.36 18.05
C ARG B 9 -10.97 3.95 17.58
N VAL B 10 -11.74 3.22 18.39
CA VAL B 10 -12.07 1.83 18.12
C VAL B 10 -13.59 1.71 18.04
N ILE B 11 -14.07 0.89 17.11
CA ILE B 11 -15.50 0.61 16.95
C ILE B 11 -15.70 -0.89 17.15
N TYR B 12 -16.50 -1.25 18.15
CA TYR B 12 -16.74 -2.65 18.47
C TYR B 12 -18.19 -2.99 18.16
N PRO B 13 -18.47 -3.75 17.08
CA PRO B 13 -19.84 -4.17 16.83
C PRO B 13 -20.33 -5.15 17.88
N ALA B 14 -21.63 -5.07 18.16
CA ALA B 14 -22.23 -5.97 19.14
C ALA B 14 -22.20 -7.41 18.64
N GLY B 15 -21.87 -8.33 19.54
CA GLY B 15 -21.78 -9.73 19.21
C GLY B 15 -20.43 -10.19 18.67
N GLN B 16 -19.50 -9.26 18.43
CA GLN B 16 -18.18 -9.64 17.97
C GLN B 16 -17.39 -10.30 19.09
N LYS B 17 -16.69 -11.38 18.76
CA LYS B 17 -15.94 -12.12 19.77
C LYS B 17 -14.79 -11.29 20.32
N GLN B 18 -14.01 -10.67 19.44
CA GLN B 18 -12.91 -9.81 19.88
C GLN B 18 -12.57 -8.81 18.79
N GLU B 19 -11.80 -7.81 19.17
CA GLU B 19 -11.33 -6.79 18.23
C GLU B 19 -9.81 -6.64 18.35
N GLN B 20 -9.16 -6.35 17.23
CA GLN B 20 -7.71 -6.22 17.21
C GLN B 20 -7.30 -4.76 17.14
N LEU B 21 -6.22 -4.42 17.85
CA LEU B 21 -5.65 -3.08 17.81
C LEU B 21 -4.14 -3.19 17.66
N ALA B 22 -3.58 -2.42 16.73
CA ALA B 22 -2.16 -2.51 16.42
C ALA B 22 -1.36 -1.53 17.27
N VAL B 23 -0.27 -2.01 17.86
CA VAL B 23 0.66 -1.17 18.60
C VAL B 23 2.05 -1.41 18.04
N THR B 24 2.73 -0.34 17.62
CA THR B 24 3.99 -0.45 16.92
C THR B 24 5.06 0.41 17.57
N ASN B 25 6.32 0.04 17.34
CA ASN B 25 7.47 0.80 17.78
C ASN B 25 8.55 0.72 16.70
N ASN B 26 9.18 1.87 16.43
CA ASN B 26 10.10 2.02 15.32
C ASN B 26 11.51 2.40 15.79
N ASP B 27 11.88 1.98 17.00
CA ASP B 27 13.21 2.22 17.54
C ASP B 27 13.90 0.89 17.79
N GLU B 28 15.12 0.74 17.25
CA GLU B 28 15.80 -0.55 17.28
C GLU B 28 16.59 -0.78 18.57
N ASN B 29 16.87 0.27 19.34
CA ASN B 29 17.69 0.09 20.54
C ASN B 29 16.98 0.55 21.81
N SER B 30 15.71 0.15 21.95
CA SER B 30 14.96 0.44 23.17
C SER B 30 14.04 -0.72 23.47
N THR B 31 13.86 -1.01 24.75
CA THR B 31 12.97 -2.06 25.23
C THR B 31 11.80 -1.43 25.96
N TYR B 32 10.58 -1.82 25.57
CA TYR B 32 9.37 -1.21 26.10
C TYR B 32 8.45 -2.27 26.69
N LEU B 33 7.91 -1.98 27.87
CA LEU B 33 6.90 -2.81 28.51
C LEU B 33 5.54 -2.15 28.31
N ILE B 34 4.69 -2.78 27.51
CA ILE B 34 3.38 -2.22 27.16
C ILE B 34 2.33 -2.87 28.05
N GLN B 35 1.59 -2.03 28.77
CA GLN B 35 0.49 -2.45 29.63
C GLN B 35 -0.79 -1.77 29.17
N SER B 36 -1.90 -2.50 29.23
CA SER B 36 -3.17 -2.01 28.73
C SER B 36 -4.29 -2.39 29.68
N TRP B 37 -5.38 -1.63 29.61
CA TRP B 37 -6.61 -1.92 30.35
C TRP B 37 -7.72 -1.08 29.75
N VAL B 38 -8.95 -1.36 30.17
CA VAL B 38 -10.13 -0.71 29.66
C VAL B 38 -10.83 0.03 30.80
N GLU B 39 -11.14 1.29 30.58
CA GLU B 39 -11.83 2.12 31.55
C GLU B 39 -13.24 2.46 31.05
N ASN B 40 -14.10 2.83 31.98
CA ASN B 40 -15.47 3.19 31.65
C ASN B 40 -15.52 4.66 31.21
N ALA B 41 -16.73 5.18 31.04
CA ALA B 41 -16.87 6.58 30.60
C ALA B 41 -16.33 7.54 31.66
N ASP B 42 -16.57 7.25 32.94
CA ASP B 42 -16.15 8.14 34.01
C ASP B 42 -14.72 7.90 34.47
N GLY B 43 -14.04 6.91 33.92
CA GLY B 43 -12.66 6.65 34.30
C GLY B 43 -12.51 5.77 35.52
N VAL B 44 -13.22 4.64 35.53
CA VAL B 44 -13.15 3.67 36.62
C VAL B 44 -12.81 2.32 36.02
N LYS B 45 -11.86 1.62 36.63
CA LYS B 45 -11.44 0.31 36.13
C LYS B 45 -12.61 -0.66 36.15
N ASP B 46 -12.82 -1.35 35.02
CA ASP B 46 -13.93 -2.28 34.87
C ASP B 46 -13.42 -3.57 34.23
N GLY B 47 -14.01 -4.68 34.63
CA GLY B 47 -13.71 -5.98 34.07
C GLY B 47 -14.58 -6.39 32.90
N ARG B 48 -15.44 -5.48 32.40
CA ARG B 48 -16.31 -5.82 31.28
C ARG B 48 -15.53 -6.09 30.00
N PHE B 49 -14.30 -5.61 29.89
CA PHE B 49 -13.47 -5.85 28.73
C PHE B 49 -12.10 -6.34 29.19
N ILE B 50 -11.53 -7.25 28.41
CA ILE B 50 -10.27 -7.90 28.71
C ILE B 50 -9.28 -7.58 27.60
N VAL B 51 -8.09 -7.11 27.98
CA VAL B 51 -7.03 -6.80 27.04
C VAL B 51 -6.00 -7.93 27.09
N THR B 52 -5.68 -8.50 25.93
CA THR B 52 -4.74 -9.60 25.85
C THR B 52 -3.63 -9.23 24.87
N PRO B 53 -2.37 -9.20 25.28
CA PRO B 53 -1.89 -9.41 26.66
C PRO B 53 -2.07 -8.16 27.51
N PRO B 54 -2.43 -8.31 28.78
CA PRO B 54 -2.52 -7.13 29.66
C PRO B 54 -1.20 -6.42 29.83
N LEU B 55 -0.08 -7.14 29.81
CA LEU B 55 1.24 -6.54 29.94
C LEU B 55 2.26 -7.45 29.28
N PHE B 56 3.03 -6.90 28.35
CA PHE B 56 4.04 -7.69 27.65
C PHE B 56 5.19 -6.80 27.24
N ALA B 57 6.36 -7.42 27.06
CA ALA B 57 7.58 -6.71 26.72
C ALA B 57 7.88 -6.84 25.23
N MET B 58 8.56 -5.83 24.70
CA MET B 58 8.96 -5.82 23.30
C MET B 58 10.30 -5.11 23.17
N LYS B 59 11.04 -5.46 22.12
CA LYS B 59 12.37 -4.91 21.89
C LYS B 59 12.56 -4.64 20.40
N GLY B 60 13.16 -3.51 20.08
CA GLY B 60 13.48 -3.17 18.71
C GLY B 60 12.26 -2.76 17.89
N LYS B 61 12.50 -2.61 16.59
CA LYS B 61 11.43 -2.30 15.65
C LYS B 61 10.46 -3.47 15.60
N LYS B 62 9.26 -3.27 16.11
CA LYS B 62 8.32 -4.39 16.22
C LYS B 62 6.90 -3.87 16.36
N GLU B 63 5.95 -4.66 15.85
CA GLU B 63 4.54 -4.34 15.94
C GLU B 63 3.78 -5.57 16.42
N ASN B 64 2.78 -5.34 17.27
CA ASN B 64 1.96 -6.40 17.83
C ASN B 64 0.50 -6.01 17.76
N THR B 65 -0.37 -6.98 18.01
CA THR B 65 -1.82 -6.76 18.02
C THR B 65 -2.37 -7.18 19.37
N LEU B 66 -3.04 -6.24 20.03
CA LEU B 66 -3.77 -6.52 21.26
C LEU B 66 -5.19 -6.92 20.93
N ARG B 67 -5.68 -7.97 21.59
CA ARG B 67 -7.03 -8.45 21.39
C ARG B 67 -7.91 -7.97 22.55
N ILE B 68 -9.06 -7.40 22.19
CA ILE B 68 -10.02 -6.89 23.15
C ILE B 68 -11.20 -7.85 23.14
N LEU B 69 -11.44 -8.47 24.29
CA LEU B 69 -12.55 -9.40 24.50
C LEU B 69 -13.60 -8.72 25.35
N ASP B 70 -14.86 -9.09 25.12
CA ASP B 70 -15.99 -8.53 25.86
C ASP B 70 -16.61 -9.63 26.73
N ALA B 71 -16.67 -9.39 28.04
CA ALA B 71 -17.35 -10.27 28.98
C ALA B 71 -18.61 -9.62 29.52
N THR B 72 -19.12 -8.58 28.86
CA THR B 72 -20.30 -7.87 29.34
C THR B 72 -21.55 -8.74 29.33
N ASN B 73 -21.55 -9.82 28.54
CA ASN B 73 -22.71 -10.72 28.46
C ASN B 73 -23.97 -9.97 28.05
N ASN B 74 -23.84 -9.17 26.97
CA ASN B 74 -24.91 -8.37 26.39
C ASN B 74 -25.77 -7.70 27.45
N GLN B 75 -25.11 -6.94 28.33
CA GLN B 75 -25.81 -6.15 29.33
C GLN B 75 -25.99 -4.69 28.94
N LEU B 76 -25.16 -4.18 28.04
CA LEU B 76 -25.30 -2.81 27.58
C LEU B 76 -26.57 -2.67 26.74
N PRO B 77 -27.23 -1.51 26.78
CA PRO B 77 -28.44 -1.32 25.98
C PRO B 77 -28.14 -1.41 24.50
N GLN B 78 -29.11 -1.94 23.75
CA GLN B 78 -28.99 -2.11 22.31
C GLN B 78 -29.63 -0.98 21.52
N ASP B 79 -30.18 0.02 22.20
CA ASP B 79 -30.82 1.15 21.53
C ASP B 79 -29.88 2.30 21.25
N ARG B 80 -28.65 2.26 21.78
CA ARG B 80 -27.72 3.36 21.61
C ARG B 80 -26.30 2.84 21.80
N GLU B 81 -25.33 3.65 21.35
CA GLU B 81 -23.94 3.29 21.50
C GLU B 81 -23.49 3.45 22.96
N SER B 82 -22.36 2.83 23.27
CA SER B 82 -21.74 2.92 24.58
C SER B 82 -20.30 3.39 24.43
N LEU B 83 -19.82 4.13 25.44
CA LEU B 83 -18.49 4.73 25.40
C LEU B 83 -17.59 4.08 26.44
N PHE B 84 -16.33 3.86 26.07
CA PHE B 84 -15.32 3.36 27.00
C PHE B 84 -13.99 4.03 26.69
N TRP B 85 -13.15 4.10 27.70
CA TRP B 85 -11.82 4.70 27.57
C TRP B 85 -10.77 3.60 27.58
N MET B 86 -10.04 3.48 26.48
CA MET B 86 -8.97 2.49 26.35
C MET B 86 -7.63 3.15 26.61
N ASN B 87 -6.87 2.58 27.54
CA ASN B 87 -5.59 3.13 27.95
C ASN B 87 -4.48 2.17 27.56
N VAL B 88 -3.40 2.73 27.00
CA VAL B 88 -2.20 1.97 26.65
C VAL B 88 -1.02 2.63 27.35
N LYS B 89 -0.36 1.89 28.23
CA LYS B 89 0.79 2.38 28.99
C LYS B 89 2.06 1.77 28.42
N ALA B 90 3.05 2.62 28.16
CA ALA B 90 4.32 2.19 27.58
C ALA B 90 5.43 2.42 28.60
N ILE B 91 5.70 1.39 29.40
CA ILE B 91 6.77 1.44 30.38
C ILE B 91 8.10 1.19 29.68
N PRO B 92 9.07 2.10 29.79
CA PRO B 92 10.39 1.87 29.19
C PRO B 92 11.26 1.04 30.12
N SER B 93 11.59 -0.18 29.67
CA SER B 93 12.37 -1.10 30.49
C SER B 93 13.80 -0.59 30.62
N MET B 94 14.17 -0.18 31.83
CA MET B 94 15.50 0.34 32.10
C MET B 94 16.41 -0.75 32.67
N ASP B 95 17.71 -0.47 32.64
CA ASP B 95 18.69 -1.41 33.15
C ASP B 95 19.85 -0.67 33.81
N ASN B 102 20.83 10.76 40.09
CA ASN B 102 19.39 10.54 40.25
C ASN B 102 18.67 10.58 38.90
N THR B 103 17.77 9.63 38.69
CA THR B 103 17.07 9.49 37.43
C THR B 103 15.56 9.48 37.67
N LEU B 104 14.83 10.20 36.82
CA LEU B 104 13.38 10.23 36.85
C LEU B 104 12.86 9.54 35.60
N GLN B 105 11.99 8.56 35.78
CA GLN B 105 11.45 7.78 34.68
C GLN B 105 10.12 8.35 34.23
N LEU B 106 9.88 8.34 32.92
CA LEU B 106 8.62 8.79 32.35
C LEU B 106 7.96 7.65 31.61
N ALA B 107 6.64 7.55 31.75
CA ALA B 107 5.83 6.58 31.01
C ALA B 107 4.81 7.34 30.19
N ILE B 108 4.41 6.75 29.06
CA ILE B 108 3.46 7.37 28.15
C ILE B 108 2.15 6.59 28.20
N ILE B 109 1.07 7.29 28.50
CA ILE B 109 -0.26 6.68 28.59
C ILE B 109 -1.13 7.30 27.51
N SER B 110 -1.41 6.54 26.46
CA SER B 110 -2.29 6.99 25.39
C SER B 110 -3.72 6.55 25.70
N ARG B 111 -4.64 7.51 25.70
CA ARG B 111 -6.04 7.26 26.00
C ARG B 111 -6.85 7.53 24.75
N ILE B 112 -7.65 6.54 24.33
CA ILE B 112 -8.49 6.64 23.15
C ILE B 112 -9.91 6.20 23.53
N LYS B 113 -10.83 6.38 22.59
CA LYS B 113 -12.24 6.09 22.80
C LYS B 113 -12.64 4.82 22.06
N LEU B 114 -13.35 3.94 22.76
CA LEU B 114 -13.91 2.72 22.17
C LEU B 114 -15.43 2.84 22.22
N TYR B 115 -16.06 2.69 21.06
CA TYR B 115 -17.50 2.80 20.93
C TYR B 115 -18.09 1.42 20.72
N TYR B 116 -18.83 0.93 21.71
CA TYR B 116 -19.60 -0.30 21.58
C TYR B 116 -20.87 0.04 20.82
N ARG B 117 -20.97 -0.42 19.57
CA ARG B 117 -22.06 -0.06 18.68
C ARG B 117 -22.97 -1.26 18.46
N PRO B 118 -24.27 -1.14 18.71
CA PRO B 118 -25.17 -2.29 18.51
C PRO B 118 -25.27 -2.67 17.04
N ALA B 119 -26.04 -3.73 16.79
CA ALA B 119 -26.19 -4.25 15.43
C ALA B 119 -27.15 -3.40 14.61
N LYS B 120 -28.39 -3.29 15.05
CA LYS B 120 -29.43 -2.57 14.32
C LYS B 120 -29.51 -1.13 14.82
N LEU B 121 -29.24 -0.18 13.93
CA LEU B 121 -29.32 1.24 14.24
C LEU B 121 -30.26 1.92 13.26
N ALA B 122 -31.01 2.89 13.75
CA ALA B 122 -31.98 3.58 12.91
C ALA B 122 -31.33 4.58 11.98
N LEU B 123 -30.31 5.29 12.45
CA LEU B 123 -29.72 6.37 11.66
C LEU B 123 -28.33 5.98 11.16
N PRO B 124 -27.93 6.48 9.98
CA PRO B 124 -26.59 6.18 9.50
C PRO B 124 -25.54 6.93 10.30
N PRO B 125 -24.36 6.34 10.51
CA PRO B 125 -23.31 7.03 11.26
C PRO B 125 -22.87 8.35 10.64
N ASP B 126 -22.79 8.41 9.31
CA ASP B 126 -22.40 9.64 8.65
C ASP B 126 -23.53 10.66 8.64
N GLN B 127 -24.78 10.20 8.47
CA GLN B 127 -25.92 11.09 8.49
C GLN B 127 -26.20 11.64 9.88
N ALA B 128 -25.70 10.99 10.93
CA ALA B 128 -25.94 11.45 12.29
C ALA B 128 -25.28 12.81 12.58
N ALA B 129 -24.26 13.19 11.80
CA ALA B 129 -23.52 14.40 12.11
C ALA B 129 -24.37 15.65 11.96
N GLU B 130 -25.16 15.73 10.89
CA GLU B 130 -25.89 16.94 10.56
C GLU B 130 -27.23 17.07 11.29
N LYS B 131 -27.61 16.08 12.09
CA LYS B 131 -28.89 16.11 12.79
C LYS B 131 -28.78 16.75 14.18
N LEU B 132 -27.60 17.22 14.57
CA LEU B 132 -27.44 17.87 15.86
C LEU B 132 -28.23 19.17 15.91
N ARG B 133 -28.73 19.50 17.09
CA ARG B 133 -29.51 20.72 17.28
C ARG B 133 -28.89 21.58 18.37
N PHE B 134 -29.10 22.89 18.26
CA PHE B 134 -28.46 23.87 19.14
C PHE B 134 -29.52 24.75 19.79
N ARG B 135 -29.22 25.17 21.02
CA ARG B 135 -30.05 26.11 21.76
C ARG B 135 -29.15 27.18 22.36
N ARG B 136 -29.56 28.43 22.27
CA ARG B 136 -28.76 29.56 22.74
C ARG B 136 -29.46 30.18 23.95
N SER B 137 -28.83 30.06 25.12
CA SER B 137 -29.32 30.70 26.33
C SER B 137 -28.67 32.07 26.46
N ALA B 138 -28.79 32.67 27.64
CA ALA B 138 -28.21 34.00 27.86
C ALA B 138 -26.70 33.99 27.66
N ASN B 139 -26.02 32.97 28.21
CA ASN B 139 -24.57 32.90 28.08
C ASN B 139 -24.06 31.48 27.81
N SER B 140 -24.93 30.57 27.36
CA SER B 140 -24.52 29.20 27.14
C SER B 140 -25.08 28.69 25.83
N LEU B 141 -24.40 27.67 25.29
CA LEU B 141 -24.85 26.95 24.10
C LEU B 141 -25.09 25.51 24.49
N THR B 142 -26.30 25.03 24.24
CA THR B 142 -26.69 23.66 24.57
C THR B 142 -26.81 22.86 23.29
N LEU B 143 -26.05 21.78 23.20
CA LEU B 143 -26.08 20.87 22.06
C LEU B 143 -26.93 19.66 22.44
N ILE B 144 -27.97 19.40 21.66
CA ILE B 144 -28.87 18.28 21.88
C ILE B 144 -28.82 17.36 20.66
N ASN B 145 -28.66 16.06 20.91
CA ASN B 145 -28.48 15.07 19.86
C ASN B 145 -29.70 14.16 19.80
N PRO B 146 -30.50 14.23 18.73
CA PRO B 146 -31.61 13.28 18.58
C PRO B 146 -31.23 11.94 17.98
N THR B 147 -29.94 11.63 17.92
CA THR B 147 -29.43 10.39 17.35
C THR B 147 -28.77 9.53 18.42
N PRO B 148 -28.97 8.21 18.40
CA PRO B 148 -28.34 7.35 19.42
C PRO B 148 -26.85 7.15 19.20
N TYR B 149 -26.26 7.93 18.31
CA TYR B 149 -24.83 7.86 18.02
C TYR B 149 -24.08 8.89 18.86
N TYR B 150 -22.89 8.50 19.33
CA TYR B 150 -22.02 9.46 20.00
C TYR B 150 -21.51 10.47 18.99
N LEU B 151 -21.50 11.75 19.38
CA LEU B 151 -21.08 12.83 18.49
C LEU B 151 -20.07 13.70 19.20
N THR B 152 -19.03 14.10 18.48
CA THR B 152 -17.99 14.99 18.99
C THR B 152 -17.97 16.25 18.13
N VAL B 153 -18.01 17.41 18.77
CA VAL B 153 -18.01 18.69 18.08
C VAL B 153 -16.60 19.28 18.14
N THR B 154 -16.10 19.71 16.98
CA THR B 154 -14.81 20.35 16.88
C THR B 154 -14.93 21.59 16.00
N GLU B 155 -14.01 22.53 16.22
CA GLU B 155 -14.02 23.81 15.52
C GLU B 155 -15.38 24.49 15.66
N LEU B 156 -15.79 24.69 16.92
CA LEU B 156 -17.07 25.30 17.23
C LEU B 156 -16.90 26.81 17.19
N ASN B 157 -17.19 27.40 16.04
CA ASN B 157 -17.06 28.84 15.84
C ASN B 157 -18.38 29.53 16.12
N ALA B 158 -18.37 30.49 17.03
CA ALA B 158 -19.51 31.33 17.35
C ALA B 158 -19.18 32.74 16.90
N GLY B 159 -19.44 33.03 15.64
CA GLY B 159 -19.08 34.33 15.06
C GLY B 159 -17.65 34.35 14.54
N THR B 160 -16.78 35.10 15.21
CA THR B 160 -15.38 35.22 14.83
C THR B 160 -14.44 34.55 15.82
N ARG B 161 -14.97 33.78 16.78
CA ARG B 161 -14.16 33.12 17.78
C ARG B 161 -14.59 31.67 17.92
N VAL B 162 -13.67 30.84 18.40
CA VAL B 162 -13.93 29.42 18.59
C VAL B 162 -14.21 29.16 20.06
N LEU B 163 -14.86 28.03 20.33
CA LEU B 163 -15.22 27.62 21.67
C LEU B 163 -14.67 26.22 21.95
N GLU B 164 -14.69 25.85 23.22
CA GLU B 164 -14.14 24.57 23.65
C GLU B 164 -14.96 23.41 23.09
N ASN B 165 -14.28 22.28 22.87
CA ASN B 165 -14.94 21.09 22.35
C ASN B 165 -15.86 20.48 23.41
N ALA B 166 -16.86 19.75 22.93
CA ALA B 166 -17.83 19.10 23.81
C ALA B 166 -18.08 17.68 23.33
N LEU B 167 -18.51 16.82 24.24
CA LEU B 167 -18.82 15.43 23.97
C LEU B 167 -20.28 15.19 24.34
N VAL B 168 -21.17 15.45 23.38
CA VAL B 168 -22.60 15.26 23.65
C VAL B 168 -22.92 13.77 23.69
N PRO B 169 -23.59 13.27 24.73
CA PRO B 169 -23.97 11.86 24.76
C PRO B 169 -25.24 11.64 23.97
N PRO B 170 -25.44 10.43 23.44
CA PRO B 170 -26.69 10.13 22.72
C PRO B 170 -27.89 10.24 23.65
N MET B 171 -29.00 10.73 23.10
CA MET B 171 -30.24 10.95 23.85
C MET B 171 -30.00 11.86 25.05
N GLY B 172 -29.08 12.80 24.93
CA GLY B 172 -28.74 13.69 26.02
C GLY B 172 -28.35 15.05 25.49
N GLU B 173 -28.01 15.94 26.41
CA GLU B 173 -27.66 17.31 26.09
C GLU B 173 -26.35 17.68 26.77
N SER B 174 -25.61 18.59 26.12
CA SER B 174 -24.36 19.11 26.67
C SER B 174 -24.42 20.63 26.66
N THR B 175 -23.65 21.25 27.56
CA THR B 175 -23.66 22.70 27.71
C THR B 175 -22.23 23.23 27.66
N VAL B 176 -22.04 24.32 26.91
CA VAL B 176 -20.76 24.99 26.81
C VAL B 176 -20.98 26.48 26.99
N LYS B 177 -19.89 27.19 27.30
CA LYS B 177 -19.95 28.62 27.48
C LYS B 177 -20.22 29.32 26.15
N LEU B 178 -20.66 30.58 26.23
CA LEU B 178 -20.92 31.36 25.04
C LEU B 178 -20.76 32.85 25.35
N PRO B 179 -19.74 33.51 24.81
CA PRO B 179 -19.56 34.94 25.07
C PRO B 179 -20.73 35.75 24.53
N SER B 180 -21.05 36.84 25.23
CA SER B 180 -22.15 37.70 24.81
C SER B 180 -21.87 38.38 23.48
N ASP B 181 -20.60 38.66 23.18
CA ASP B 181 -20.23 39.32 21.94
C ASP B 181 -20.06 38.35 20.77
N ALA B 182 -20.26 37.06 21.00
CA ALA B 182 -20.14 36.09 19.92
C ALA B 182 -21.22 36.32 18.86
N GLY B 183 -20.87 36.04 17.61
CA GLY B 183 -21.79 36.27 16.51
C GLY B 183 -22.96 35.31 16.53
N SER B 184 -24.01 35.68 15.80
CA SER B 184 -25.22 34.87 15.74
C SER B 184 -24.94 33.53 15.07
N ASN B 185 -24.15 33.53 13.99
CA ASN B 185 -23.89 32.30 13.25
C ASN B 185 -23.06 31.33 14.09
N ILE B 186 -23.40 30.05 13.97
CA ILE B 186 -22.69 28.98 14.67
C ILE B 186 -22.27 27.94 13.64
N THR B 187 -20.98 27.57 13.66
CA THR B 187 -20.47 26.54 12.78
C THR B 187 -19.75 25.49 13.61
N TYR B 188 -19.79 24.24 13.14
CA TYR B 188 -19.25 23.13 13.90
C TYR B 188 -18.75 22.05 12.96
N ARG B 189 -17.87 21.20 13.47
CA ARG B 189 -17.33 20.06 12.73
C ARG B 189 -17.45 18.82 13.59
N THR B 190 -17.55 17.66 12.92
CA THR B 190 -17.68 16.38 13.60
C THR B 190 -16.61 15.43 13.08
N ILE B 191 -16.36 14.37 13.84
CA ILE B 191 -15.36 13.36 13.52
C ILE B 191 -16.08 12.07 13.17
N ASN B 192 -15.75 11.49 12.02
CA ASN B 192 -16.31 10.22 11.61
C ASN B 192 -15.63 9.08 12.35
N ASP B 193 -15.97 7.85 11.98
CA ASP B 193 -15.35 6.67 12.59
C ASP B 193 -13.90 6.49 12.17
N TYR B 194 -13.45 7.19 11.13
CA TYR B 194 -12.08 7.08 10.65
C TYR B 194 -11.15 8.14 11.23
N GLY B 195 -11.65 9.00 12.11
CA GLY B 195 -10.82 10.05 12.67
C GLY B 195 -10.57 11.22 11.74
N ALA B 196 -11.42 11.42 10.74
CA ALA B 196 -11.26 12.50 9.77
C ALA B 196 -12.32 13.56 10.00
N LEU B 197 -11.91 14.82 9.97
CA LEU B 197 -12.85 15.92 10.17
C LEU B 197 -13.84 16.00 9.01
N THR B 198 -15.12 16.10 9.34
CA THR B 198 -16.15 16.21 8.33
C THR B 198 -16.13 17.61 7.71
N PRO B 199 -16.68 17.76 6.51
CA PRO B 199 -16.76 19.09 5.90
C PRO B 199 -17.59 20.05 6.74
N LYS B 200 -17.25 21.33 6.65
CA LYS B 200 -17.91 22.35 7.45
C LYS B 200 -19.41 22.37 7.18
N MET B 201 -20.19 22.42 8.26
CA MET B 201 -21.65 22.42 8.18
C MET B 201 -22.20 23.56 9.01
N THR B 202 -23.22 24.23 8.48
CA THR B 202 -23.83 25.34 9.20
C THR B 202 -24.64 24.84 10.39
N GLY B 203 -24.80 25.70 11.39
CA GLY B 203 -25.52 25.34 12.59
C GLY B 203 -26.99 25.72 12.55
N VAL B 204 -27.85 24.72 12.53
CA VAL B 204 -29.29 24.95 12.49
C VAL B 204 -29.82 25.08 13.90
N MET B 205 -30.73 26.04 14.11
CA MET B 205 -31.35 26.28 15.39
C MET B 205 -32.76 25.68 15.42
N GLU B 206 -33.17 25.22 16.60
CA GLU B 206 -34.50 24.66 16.77
C GLU B 206 -35.28 25.42 17.84
N SER C 121 27.82 11.52 5.59
CA SER C 121 27.63 10.10 5.36
C SER C 121 26.16 9.70 5.55
N ASN C 122 25.26 10.64 5.24
CA ASN C 122 23.84 10.38 5.38
C ASN C 122 23.37 9.33 4.37
N ARG C 123 22.37 8.55 4.76
CA ARG C 123 21.82 7.51 3.91
C ARG C 123 20.46 7.92 3.37
N ALA C 124 20.03 7.22 2.32
CA ALA C 124 18.73 7.49 1.72
C ALA C 124 17.60 7.13 2.68
N ARG C 125 16.49 7.83 2.54
CA ARG C 125 15.32 7.57 3.39
C ARG C 125 14.75 6.19 3.08
N GLY C 126 14.39 5.47 4.14
CA GLY C 126 13.92 4.10 3.99
C GLY C 126 14.98 3.15 3.45
N TYR C 127 16.21 3.27 3.94
CA TYR C 127 17.31 2.44 3.46
C TYR C 127 17.34 1.11 4.19
N ILE C 128 17.53 0.03 3.44
CA ILE C 128 17.68 -1.31 3.98
C ILE C 128 19.14 -1.71 3.82
N PRO C 129 19.86 -2.00 4.91
CA PRO C 129 21.26 -2.40 4.76
C PRO C 129 21.37 -3.71 4.02
N PRO C 130 22.46 -3.92 3.28
CA PRO C 130 22.63 -5.14 2.47
C PRO C 130 23.04 -6.36 3.31
N GLU C 131 22.36 -6.55 4.43
CA GLU C 131 22.56 -7.72 5.28
C GLU C 131 21.26 -8.37 5.74
N LEU C 132 20.14 -7.66 5.71
CA LEU C 132 18.86 -8.20 6.12
C LEU C 132 18.13 -8.93 5.01
N TRP C 133 18.68 -8.94 3.79
CA TRP C 133 18.05 -9.65 2.69
C TRP C 133 18.12 -11.15 2.92
N ASP C 134 16.98 -11.83 2.80
CA ASP C 134 16.91 -13.25 3.08
C ASP C 134 17.18 -14.04 1.81
N PRO C 135 18.21 -14.89 1.78
CA PRO C 135 18.41 -15.73 0.59
C PRO C 135 17.24 -16.66 0.31
N GLY C 136 16.55 -17.12 1.35
CA GLY C 136 15.41 -18.01 1.16
C GLY C 136 15.64 -19.39 1.73
N ILE C 137 14.92 -20.38 1.19
CA ILE C 137 15.05 -21.77 1.62
C ILE C 137 15.20 -22.65 0.39
N ASN C 138 15.83 -23.81 0.61
CA ASN C 138 16.02 -24.80 -0.46
C ASN C 138 14.69 -25.51 -0.67
N ALA C 139 13.86 -24.95 -1.54
CA ALA C 139 12.49 -25.43 -1.70
C ALA C 139 12.12 -25.51 -3.17
N GLY C 140 11.18 -26.41 -3.46
CA GLY C 140 10.62 -26.52 -4.79
C GLY C 140 9.47 -25.55 -5.01
N LEU C 141 8.93 -25.59 -6.24
CA LEU C 141 7.85 -24.69 -6.60
C LEU C 141 7.17 -25.22 -7.85
N LEU C 142 5.84 -25.23 -7.84
CA LEU C 142 5.08 -25.60 -9.02
C LEU C 142 3.89 -24.66 -9.15
N ASN C 143 3.59 -24.24 -10.38
CA ASN C 143 2.45 -23.38 -10.66
C ASN C 143 1.67 -23.99 -11.81
N TYR C 144 0.44 -24.43 -11.54
CA TYR C 144 -0.41 -25.06 -12.54
C TYR C 144 -1.55 -24.13 -12.90
N ASN C 145 -1.83 -24.02 -14.20
CA ASN C 145 -2.94 -23.20 -14.68
C ASN C 145 -3.61 -23.96 -15.82
N PHE C 146 -4.74 -24.59 -15.53
CA PHE C 146 -5.48 -25.35 -16.51
C PHE C 146 -6.71 -24.57 -16.93
N SER C 147 -6.87 -24.38 -18.24
CA SER C 147 -8.01 -23.65 -18.78
C SER C 147 -8.64 -24.49 -19.89
N GLY C 148 -9.95 -24.69 -19.80
CA GLY C 148 -10.69 -25.42 -20.80
C GLY C 148 -11.83 -24.57 -21.35
N ASN C 149 -12.06 -24.71 -22.65
CA ASN C 149 -13.11 -23.97 -23.36
C ASN C 149 -13.97 -24.97 -24.10
N SER C 150 -15.25 -25.02 -23.79
CA SER C 150 -16.21 -25.86 -24.48
C SER C 150 -17.10 -24.94 -25.33
N VAL C 151 -16.85 -24.94 -26.64
CA VAL C 151 -17.59 -24.10 -27.57
C VAL C 151 -18.70 -24.94 -28.20
N GLN C 152 -19.94 -24.50 -28.03
CA GLN C 152 -21.10 -25.19 -28.56
C GLN C 152 -21.69 -24.37 -29.71
N ASN C 153 -21.84 -25.00 -30.86
CA ASN C 153 -22.38 -24.33 -32.04
C ASN C 153 -23.71 -24.94 -32.45
N GLY C 157 -21.35 -27.75 -32.32
CA GLY C 157 -19.90 -27.68 -32.21
C GLY C 157 -19.33 -28.66 -31.20
N ASN C 158 -19.53 -28.37 -29.92
CA ASN C 158 -19.05 -29.21 -28.82
C ASN C 158 -17.54 -29.46 -28.92
N SER C 159 -16.81 -28.37 -29.19
CA SER C 159 -15.36 -28.44 -29.33
C SER C 159 -14.69 -28.06 -28.03
N HIS C 160 -13.75 -28.89 -27.59
CA HIS C 160 -13.07 -28.70 -26.32
C HIS C 160 -11.61 -28.33 -26.55
N TYR C 161 -11.19 -27.22 -25.94
CA TYR C 161 -9.80 -26.78 -25.97
C TYR C 161 -9.24 -26.78 -24.56
N ALA C 162 -8.00 -27.22 -24.41
CA ALA C 162 -7.31 -27.24 -23.13
C ALA C 162 -5.94 -26.61 -23.31
N TYR C 163 -5.59 -25.69 -22.40
CA TYR C 163 -4.37 -24.90 -22.52
C TYR C 163 -3.56 -24.95 -21.22
N LEU C 164 -3.30 -26.16 -20.72
CA LEU C 164 -2.65 -26.30 -19.43
C LEU C 164 -1.24 -25.72 -19.48
N ASN C 165 -0.86 -25.03 -18.40
CA ASN C 165 0.48 -24.45 -18.29
C ASN C 165 1.08 -24.86 -16.95
N LEU C 166 2.36 -25.25 -16.98
CA LEU C 166 3.09 -25.67 -15.79
C LEU C 166 4.36 -24.85 -15.70
N GLN C 167 4.57 -24.21 -14.55
CA GLN C 167 5.76 -23.42 -14.26
C GLN C 167 6.45 -24.08 -13.07
N SER C 168 7.53 -24.81 -13.35
CA SER C 168 8.32 -25.44 -12.31
C SER C 168 9.45 -24.52 -11.89
N GLY C 169 9.87 -24.66 -10.64
CA GLY C 169 10.92 -23.81 -10.10
C GLY C 169 11.59 -24.45 -8.91
N LEU C 170 12.82 -24.03 -8.67
CA LEU C 170 13.62 -24.56 -7.59
C LEU C 170 14.48 -23.45 -7.00
N ASN C 171 14.65 -23.48 -5.68
CA ASN C 171 15.45 -22.49 -4.97
C ASN C 171 16.43 -23.24 -4.07
N ILE C 172 17.67 -23.36 -4.53
CA ILE C 172 18.77 -23.92 -3.75
C ILE C 172 19.83 -22.84 -3.59
N GLY C 173 20.27 -22.61 -2.36
CA GLY C 173 21.21 -21.53 -2.11
C GLY C 173 20.57 -20.20 -2.47
N ALA C 174 21.20 -19.46 -3.39
CA ALA C 174 20.70 -18.19 -3.86
C ALA C 174 20.42 -18.20 -5.36
N TRP C 175 20.21 -19.39 -5.92
CA TRP C 175 19.94 -19.56 -7.34
C TRP C 175 18.48 -19.92 -7.55
N ARG C 176 17.85 -19.28 -8.54
CA ARG C 176 16.45 -19.52 -8.85
C ARG C 176 16.37 -20.18 -10.23
N LEU C 177 15.89 -21.42 -10.27
CA LEU C 177 15.73 -22.14 -11.53
C LEU C 177 14.26 -22.16 -11.91
N ARG C 178 13.96 -21.73 -13.14
CA ARG C 178 12.59 -21.64 -13.61
C ARG C 178 12.44 -22.37 -14.94
N ASP C 179 11.30 -23.02 -15.13
CA ASP C 179 10.99 -23.77 -16.34
C ASP C 179 9.50 -23.60 -16.65
N ASN C 180 9.18 -23.31 -17.90
CA ASN C 180 7.80 -23.13 -18.35
C ASN C 180 7.51 -24.13 -19.46
N THR C 181 6.43 -24.89 -19.30
CA THR C 181 6.02 -25.89 -20.27
C THR C 181 4.51 -25.88 -20.42
N THR C 182 4.02 -25.88 -21.65
CA THR C 182 2.59 -25.80 -21.93
C THR C 182 2.11 -27.06 -22.61
N TRP C 183 1.02 -27.62 -22.11
CA TRP C 183 0.38 -28.78 -22.72
C TRP C 183 -0.94 -28.34 -23.33
N SER C 184 -1.08 -28.55 -24.63
CA SER C 184 -2.27 -28.16 -25.37
C SER C 184 -3.09 -29.38 -25.75
N TYR C 185 -4.38 -29.17 -25.97
CA TYR C 185 -5.25 -30.25 -26.40
C TYR C 185 -6.46 -29.68 -27.13
N ASN C 186 -6.86 -30.34 -28.20
CA ASN C 186 -8.05 -29.98 -28.95
C ASN C 186 -8.86 -31.22 -29.26
N SER C 187 -10.18 -31.10 -29.16
CA SER C 187 -11.07 -32.23 -29.43
C SER C 187 -12.00 -31.92 -30.59
N LYS C 197 -0.35 -31.79 -27.16
CA LYS C 197 1.05 -32.12 -26.98
C LYS C 197 1.73 -31.21 -25.98
N TRP C 198 2.94 -31.59 -25.57
CA TRP C 198 3.75 -30.79 -24.65
C TRP C 198 4.73 -29.92 -25.43
N GLN C 199 4.95 -28.70 -24.94
CA GLN C 199 5.89 -27.76 -25.55
C GLN C 199 6.70 -27.11 -24.45
N HIS C 200 8.01 -27.34 -24.46
CA HIS C 200 8.92 -26.76 -23.48
C HIS C 200 9.24 -25.33 -23.90
N ILE C 201 8.53 -24.35 -23.33
CA ILE C 201 8.64 -22.98 -23.78
C ILE C 201 9.89 -22.32 -23.23
N ASN C 202 10.03 -22.27 -21.91
CA ASN C 202 11.07 -21.45 -21.30
C ASN C 202 11.89 -22.24 -20.29
N THR C 203 13.13 -21.82 -20.09
CA THR C 203 13.99 -22.42 -19.08
C THR C 203 15.13 -21.44 -18.81
N TRP C 204 15.32 -21.07 -17.54
CA TRP C 204 16.39 -20.13 -17.20
C TRP C 204 16.79 -20.30 -15.75
N LEU C 205 17.93 -19.71 -15.41
CA LEU C 205 18.48 -19.70 -14.07
C LEU C 205 18.93 -18.29 -13.73
N GLU C 206 18.55 -17.80 -12.56
CA GLU C 206 18.83 -16.44 -12.14
C GLU C 206 19.63 -16.42 -10.85
N ARG C 207 20.54 -15.46 -10.76
CA ARG C 207 21.40 -15.29 -9.58
C ARG C 207 21.63 -13.81 -9.36
N ASP C 208 21.28 -13.32 -8.17
CA ASP C 208 21.45 -11.90 -7.85
C ASP C 208 22.84 -11.68 -7.26
N ILE C 209 23.59 -10.74 -7.83
CA ILE C 209 24.91 -10.37 -7.36
C ILE C 209 24.75 -9.06 -6.59
N ILE C 210 24.85 -9.15 -5.27
CA ILE C 210 24.72 -8.01 -4.36
C ILE C 210 25.83 -6.99 -4.56
N PRO C 211 27.12 -7.38 -4.63
CA PRO C 211 28.17 -6.36 -4.76
C PRO C 211 28.02 -5.47 -5.98
N LEU C 212 27.53 -6.02 -7.09
CA LEU C 212 27.27 -5.22 -8.28
C LEU C 212 25.84 -4.72 -8.35
N ARG C 213 25.00 -5.09 -7.37
CA ARG C 213 23.59 -4.69 -7.33
C ARG C 213 22.89 -5.06 -8.65
N SER C 214 23.18 -6.26 -9.15
CA SER C 214 22.72 -6.64 -10.47
C SER C 214 22.22 -8.09 -10.41
N ARG C 215 21.80 -8.60 -11.57
CA ARG C 215 21.36 -9.98 -11.67
C ARG C 215 21.89 -10.60 -12.94
N LEU C 216 22.29 -11.88 -12.83
CA LEU C 216 22.77 -12.67 -13.96
C LEU C 216 21.69 -13.71 -14.26
N THR C 217 21.09 -13.59 -15.45
CA THR C 217 20.03 -14.51 -15.89
C THR C 217 20.66 -15.53 -16.84
N LEU C 218 21.32 -16.52 -16.25
CA LEU C 218 21.94 -17.59 -17.03
C LEU C 218 20.86 -18.46 -17.66
N GLY C 219 20.62 -18.28 -18.95
CA GLY C 219 19.60 -19.03 -19.64
C GLY C 219 18.74 -18.17 -20.56
N ASP C 220 17.50 -18.57 -20.76
CA ASP C 220 16.61 -17.84 -21.66
C ASP C 220 16.20 -16.52 -21.03
N GLY C 221 15.74 -15.60 -21.88
CA GLY C 221 15.33 -14.30 -21.42
C GLY C 221 15.15 -13.35 -22.59
N TYR C 222 15.17 -12.06 -22.29
CA TYR C 222 15.04 -11.04 -23.32
C TYR C 222 15.70 -9.76 -22.85
N THR C 223 16.06 -8.91 -23.81
CA THR C 223 16.68 -7.64 -23.49
C THR C 223 15.64 -6.65 -22.96
N GLN C 224 16.12 -5.65 -22.23
CA GLN C 224 15.23 -4.64 -21.67
C GLN C 224 14.53 -3.86 -22.77
N GLY C 225 15.27 -3.50 -23.82
CA GLY C 225 14.69 -2.73 -24.90
C GLY C 225 14.51 -1.26 -24.61
N ASP C 226 15.13 -0.75 -23.55
CA ASP C 226 15.03 0.67 -23.25
C ASP C 226 15.74 1.53 -24.29
N ILE C 227 16.92 1.09 -24.73
CA ILE C 227 17.69 1.84 -25.71
C ILE C 227 17.45 1.22 -27.09
N PHE C 228 17.79 -0.05 -27.24
CA PHE C 228 17.57 -0.77 -28.49
C PHE C 228 16.16 -1.35 -28.48
N ASP C 229 15.87 -2.24 -29.44
CA ASP C 229 14.58 -2.91 -29.52
C ASP C 229 14.68 -4.27 -28.84
N GLY C 230 13.73 -4.55 -27.96
CA GLY C 230 13.72 -5.80 -27.21
C GLY C 230 13.64 -7.03 -28.08
N ILE C 231 14.53 -7.99 -27.83
CA ILE C 231 14.59 -9.23 -28.60
C ILE C 231 14.78 -10.40 -27.64
N ASN C 232 14.08 -11.50 -27.92
CA ASN C 232 14.27 -12.72 -27.14
C ASN C 232 15.61 -13.36 -27.46
N PHE C 233 16.16 -14.08 -26.49
CA PHE C 233 17.47 -14.69 -26.66
C PHE C 233 17.65 -15.79 -25.62
N ARG C 234 18.73 -16.54 -25.78
CA ARG C 234 19.15 -17.58 -24.82
C ARG C 234 20.65 -17.43 -24.62
N GLY C 235 21.04 -16.85 -23.48
CA GLY C 235 22.45 -16.70 -23.19
C GLY C 235 22.64 -15.91 -21.90
N ALA C 236 23.90 -15.59 -21.64
CA ALA C 236 24.23 -14.82 -20.43
C ALA C 236 23.69 -13.41 -20.53
N GLN C 237 23.19 -12.90 -19.40
CA GLN C 237 22.67 -11.54 -19.34
C GLN C 237 22.92 -11.02 -17.93
N LEU C 238 23.88 -10.13 -17.81
CA LEU C 238 24.21 -9.50 -16.53
C LEU C 238 23.69 -8.06 -16.60
N ALA C 239 22.64 -7.77 -15.83
CA ALA C 239 21.94 -6.50 -15.93
C ALA C 239 21.76 -5.90 -14.55
N SER C 240 22.00 -4.59 -14.45
CA SER C 240 21.79 -3.89 -13.19
C SER C 240 20.31 -3.84 -12.85
N ASP C 241 20.00 -4.03 -11.57
CA ASP C 241 18.63 -4.01 -11.07
C ASP C 241 18.44 -2.78 -10.21
N ASP C 242 17.45 -1.95 -10.56
CA ASP C 242 17.18 -0.72 -9.83
C ASP C 242 16.47 -0.98 -8.50
N ASN C 243 15.78 -2.12 -8.37
CA ASN C 243 15.05 -2.41 -7.14
C ASN C 243 15.96 -2.60 -5.94
N MET C 244 17.25 -2.89 -6.18
CA MET C 244 18.20 -2.99 -5.07
C MET C 244 18.35 -1.66 -4.35
N LEU C 245 18.37 -0.57 -5.10
CA LEU C 245 18.49 0.76 -4.52
C LEU C 245 17.22 1.11 -3.74
N PRO C 246 17.33 2.00 -2.75
CA PRO C 246 16.16 2.39 -1.98
C PRO C 246 15.15 3.13 -2.84
N ASP C 247 13.90 3.16 -2.35
CA ASP C 247 12.82 3.82 -3.08
C ASP C 247 13.07 5.31 -3.25
N SER C 248 13.79 5.94 -2.33
CA SER C 248 14.05 7.37 -2.45
C SER C 248 14.95 7.68 -3.64
N GLN C 249 15.97 6.85 -3.86
CA GLN C 249 16.93 7.06 -4.96
C GLN C 249 16.46 6.34 -6.23
N ARG C 250 15.28 6.74 -6.71
CA ARG C 250 14.69 6.17 -7.91
C ARG C 250 14.20 7.29 -8.81
N GLY C 251 14.06 6.96 -10.09
CA GLY C 251 13.63 7.96 -11.05
C GLY C 251 14.68 9.04 -11.26
N PHE C 252 14.21 10.24 -11.56
CA PHE C 252 15.09 11.38 -11.79
C PHE C 252 14.84 12.42 -10.72
N ALA C 253 15.92 12.89 -10.09
CA ALA C 253 15.85 13.92 -9.07
C ALA C 253 17.18 14.66 -9.00
N PRO C 254 17.18 15.97 -9.27
CA PRO C 254 18.45 16.71 -9.23
C PRO C 254 19.05 16.73 -7.84
N VAL C 255 20.37 16.68 -7.79
CA VAL C 255 21.10 16.75 -6.53
C VAL C 255 21.19 18.21 -6.09
N ILE C 256 20.97 18.45 -4.79
CA ILE C 256 20.97 19.79 -4.24
C ILE C 256 22.28 20.01 -3.51
N HIS C 257 23.05 21.00 -3.97
CA HIS C 257 24.30 21.40 -3.36
C HIS C 257 24.09 22.70 -2.56
N GLY C 258 25.19 23.26 -2.07
CA GLY C 258 25.14 24.52 -1.36
C GLY C 258 25.85 24.46 -0.03
N ILE C 259 26.51 25.58 0.33
CA ILE C 259 27.23 25.70 1.58
C ILE C 259 26.39 26.52 2.55
N ALA C 260 26.15 25.97 3.74
CA ALA C 260 25.33 26.62 4.75
C ALA C 260 26.23 27.44 5.67
N ARG C 261 26.02 28.75 5.68
CA ARG C 261 26.76 29.66 6.56
C ARG C 261 26.13 29.59 7.94
N GLY C 262 26.71 28.79 8.82
CA GLY C 262 26.15 28.57 10.13
C GLY C 262 25.10 27.48 10.12
N THR C 263 24.66 27.10 11.32
CA THR C 263 23.62 26.09 11.44
C THR C 263 22.30 26.61 10.89
N ALA C 264 21.58 25.74 10.19
CA ALA C 264 20.34 26.12 9.54
C ALA C 264 19.55 24.87 9.19
N GLN C 265 18.32 25.07 8.74
CA GLN C 265 17.47 23.99 8.27
C GLN C 265 16.97 24.32 6.87
N VAL C 266 16.87 23.28 6.05
CA VAL C 266 16.48 23.42 4.64
C VAL C 266 15.13 22.75 4.43
N THR C 267 14.27 23.41 3.68
CA THR C 267 12.95 22.90 3.32
C THR C 267 12.82 22.95 1.80
N ILE C 268 12.27 21.89 1.23
CA ILE C 268 11.99 21.85 -0.20
C ILE C 268 10.51 22.11 -0.41
N LYS C 269 10.19 23.14 -1.19
CA LYS C 269 8.81 23.54 -1.44
C LYS C 269 8.46 23.27 -2.89
N GLN C 270 7.32 22.61 -3.10
CA GLN C 270 6.82 22.34 -4.44
C GLN C 270 5.31 22.26 -4.38
N ASN C 271 4.64 23.17 -5.10
CA ASN C 271 3.18 23.28 -5.07
C ASN C 271 2.67 23.45 -3.65
N GLY C 272 3.38 24.26 -2.86
CA GLY C 272 3.00 24.49 -1.48
C GLY C 272 3.10 23.28 -0.59
N TYR C 273 4.08 22.42 -0.82
CA TYR C 273 4.27 21.21 -0.03
C TYR C 273 5.71 21.13 0.43
N ASP C 274 5.90 20.82 1.72
CA ASP C 274 7.23 20.65 2.30
C ASP C 274 7.72 19.26 1.93
N ILE C 275 8.48 19.17 0.83
CA ILE C 275 8.95 17.89 0.33
C ILE C 275 9.91 17.25 1.33
N TYR C 276 10.83 18.04 1.87
CA TYR C 276 11.82 17.52 2.82
C TYR C 276 12.25 18.65 3.74
N ASN C 277 12.35 18.36 5.03
CA ASN C 277 12.70 19.38 6.02
C ASN C 277 13.51 18.72 7.13
N SER C 278 14.77 19.13 7.27
CA SER C 278 15.62 18.62 8.33
C SER C 278 16.72 19.64 8.60
N THR C 279 17.29 19.55 9.80
CA THR C 279 18.39 20.43 10.19
C THR C 279 19.67 20.05 9.45
N VAL C 280 20.47 21.07 9.15
CA VAL C 280 21.73 20.87 8.42
C VAL C 280 22.86 21.54 9.19
N PRO C 281 23.95 20.83 9.47
CA PRO C 281 25.10 21.46 10.15
C PRO C 281 25.76 22.48 9.25
N PRO C 282 26.48 23.45 9.82
CA PRO C 282 27.16 24.45 8.99
C PRO C 282 28.18 23.81 8.06
N GLY C 283 28.29 24.38 6.87
CA GLY C 283 29.18 23.86 5.85
C GLY C 283 28.44 23.37 4.63
N PRO C 284 29.18 22.88 3.64
CA PRO C 284 28.53 22.36 2.43
C PRO C 284 27.67 21.13 2.75
N PHE C 285 26.55 21.02 2.06
CA PHE C 285 25.65 19.88 2.22
C PHE C 285 25.21 19.38 0.85
N THR C 286 24.99 18.07 0.76
CA THR C 286 24.54 17.44 -0.48
C THR C 286 23.28 16.64 -0.19
N ILE C 287 22.23 16.90 -0.96
CA ILE C 287 20.96 16.18 -0.85
C ILE C 287 20.75 15.42 -2.15
N ASN C 288 20.63 14.09 -2.04
CA ASN C 288 20.48 13.23 -3.21
C ASN C 288 19.43 12.16 -3.00
N ASP C 289 18.47 12.38 -2.09
CA ASP C 289 17.42 11.41 -1.82
C ASP C 289 16.04 12.00 -2.07
N ILE C 290 15.96 13.00 -2.96
CA ILE C 290 14.69 13.63 -3.26
C ILE C 290 13.80 12.65 -4.02
N TYR C 291 12.54 12.53 -3.59
CA TYR C 291 11.62 11.61 -4.22
C TYR C 291 11.33 12.03 -5.67
N ALA C 292 11.12 11.03 -6.53
CA ALA C 292 10.85 11.27 -7.94
C ALA C 292 9.41 11.76 -8.08
N ALA C 293 9.23 13.06 -7.86
CA ALA C 293 7.91 13.67 -7.92
C ALA C 293 7.35 13.65 -9.34
N GLY C 294 8.19 13.47 -10.35
CA GLY C 294 7.72 13.46 -11.73
C GLY C 294 7.74 14.85 -12.32
N ASN C 295 6.69 15.20 -13.06
CA ASN C 295 6.58 16.52 -13.68
C ASN C 295 6.56 17.61 -12.62
N SER C 296 5.51 17.63 -11.81
CA SER C 296 5.36 18.57 -10.70
C SER C 296 5.67 20.00 -11.11
N GLY C 297 6.79 20.54 -10.64
CA GLY C 297 7.21 21.88 -10.96
C GLY C 297 8.64 22.16 -10.55
N ASP C 298 8.89 23.35 -10.04
CA ASP C 298 10.22 23.74 -9.57
C ASP C 298 10.31 23.59 -8.06
N LEU C 299 11.52 23.34 -7.56
CA LEU C 299 11.75 23.13 -6.14
C LEU C 299 12.34 24.41 -5.54
N GLN C 300 11.64 24.99 -4.58
CA GLN C 300 12.13 26.16 -3.86
C GLN C 300 12.92 25.68 -2.66
N VAL C 301 14.19 26.08 -2.57
CA VAL C 301 15.08 25.62 -1.51
C VAL C 301 15.08 26.72 -0.45
N THR C 302 14.16 26.60 0.50
CA THR C 302 14.03 27.59 1.58
C THR C 302 14.98 27.18 2.70
N ILE C 303 16.10 27.90 2.82
CA ILE C 303 17.06 27.65 3.89
C ILE C 303 16.89 28.72 4.95
N LYS C 304 17.09 28.34 6.20
CA LYS C 304 16.93 29.28 7.31
C LYS C 304 18.22 29.46 8.09
N THR C 310 19.98 32.73 4.40
CA THR C 310 18.61 32.42 4.01
C THR C 310 18.39 32.67 2.52
N GLN C 311 19.24 32.07 1.69
CA GLN C 311 19.15 32.24 0.25
C GLN C 311 17.97 31.43 -0.27
N ILE C 312 16.99 32.11 -0.85
CA ILE C 312 15.78 31.48 -1.37
C ILE C 312 15.95 31.38 -2.88
N PHE C 313 16.24 30.18 -3.37
CA PHE C 313 16.48 29.98 -4.79
C PHE C 313 15.67 28.79 -5.30
N THR C 314 15.31 28.85 -6.58
CA THR C 314 14.54 27.81 -7.24
C THR C 314 15.45 26.91 -8.05
N VAL C 315 15.04 25.64 -8.18
CA VAL C 315 15.74 24.66 -8.99
C VAL C 315 14.72 24.04 -9.94
N PRO C 316 14.93 24.12 -11.26
CA PRO C 316 13.98 23.52 -12.19
C PRO C 316 14.00 21.99 -12.10
N TYR C 317 12.86 21.39 -12.45
CA TYR C 317 12.71 19.95 -12.34
C TYR C 317 11.79 19.44 -13.44
N SER C 318 12.34 18.62 -14.33
CA SER C 318 11.56 17.92 -15.35
C SER C 318 12.32 16.66 -15.73
N SER C 319 11.59 15.63 -16.16
CA SER C 319 12.19 14.33 -16.38
C SER C 319 11.60 13.65 -17.60
N VAL C 320 12.40 12.80 -18.22
CA VAL C 320 11.97 11.87 -19.26
C VAL C 320 12.45 10.49 -18.86
N PRO C 321 11.86 9.43 -19.42
CA PRO C 321 12.28 8.07 -19.04
C PRO C 321 13.77 7.79 -19.27
N LEU C 322 14.45 8.61 -20.07
CA LEU C 322 15.87 8.41 -20.34
C LEU C 322 16.77 9.29 -19.48
N LEU C 323 16.21 10.01 -18.51
CA LEU C 323 16.98 10.86 -17.62
C LEU C 323 17.22 10.13 -16.30
N GLN C 324 18.43 10.27 -15.77
CA GLN C 324 18.83 9.60 -14.53
C GLN C 324 19.54 10.58 -13.61
N ARG C 325 19.53 10.27 -12.33
CA ARG C 325 20.21 11.09 -11.34
C ARG C 325 21.72 11.00 -11.53
N GLU C 326 22.41 12.05 -11.11
CA GLU C 326 23.87 12.07 -11.21
C GLU C 326 24.46 10.98 -10.33
N GLY C 327 25.41 10.24 -10.89
CA GLY C 327 26.07 9.13 -10.20
C GLY C 327 25.42 7.79 -10.43
N HIS C 328 24.11 7.77 -10.60
CA HIS C 328 23.40 6.52 -10.87
C HIS C 328 23.83 5.95 -12.22
N THR C 329 24.09 4.65 -12.26
CA THR C 329 24.58 3.98 -13.46
C THR C 329 23.83 2.68 -13.68
N ARG C 330 23.53 2.38 -14.93
CA ARG C 330 22.86 1.14 -15.31
C ARG C 330 23.57 0.52 -16.51
N TYR C 331 23.54 -0.81 -16.58
CA TYR C 331 24.12 -1.53 -17.70
C TYR C 331 23.34 -2.82 -17.91
N SER C 332 23.38 -3.32 -19.14
CA SER C 332 22.55 -4.46 -19.55
C SER C 332 23.37 -5.42 -20.41
N ILE C 333 24.54 -5.83 -19.93
CA ILE C 333 25.43 -6.65 -20.76
C ILE C 333 24.74 -7.96 -21.12
N THR C 334 24.78 -8.32 -22.40
CA THR C 334 24.07 -9.49 -22.89
C THR C 334 24.89 -10.19 -23.96
N ALA C 335 24.93 -11.52 -23.90
CA ALA C 335 25.61 -12.31 -24.90
C ALA C 335 24.88 -13.63 -25.06
N GLY C 336 24.96 -14.19 -26.27
CA GLY C 336 24.32 -15.46 -26.55
C GLY C 336 23.60 -15.49 -27.89
N GLU C 337 22.93 -16.61 -28.17
CA GLU C 337 22.22 -16.75 -29.43
C GLU C 337 20.96 -15.89 -29.42
N TYR C 338 20.34 -15.77 -30.60
CA TYR C 338 19.13 -14.99 -30.79
C TYR C 338 17.97 -15.92 -31.15
N ARG C 339 16.82 -15.66 -30.54
CA ARG C 339 15.61 -16.42 -30.79
C ARG C 339 14.42 -15.48 -30.96
N SER C 340 13.41 -15.94 -31.69
CA SER C 340 12.22 -15.16 -31.95
C SER C 340 11.07 -16.10 -32.25
N GLY C 341 9.84 -15.56 -32.13
CA GLY C 341 8.66 -16.35 -32.43
C GLY C 341 8.55 -16.75 -33.89
N ASN C 342 8.99 -15.88 -34.79
CA ASN C 342 8.90 -16.18 -36.22
C ASN C 342 9.83 -17.33 -36.57
N ALA C 343 9.29 -18.31 -37.30
CA ALA C 343 10.09 -19.46 -37.70
C ALA C 343 11.06 -19.12 -38.82
N GLN C 344 10.72 -18.14 -39.66
CA GLN C 344 11.59 -17.78 -40.76
C GLN C 344 12.91 -17.18 -40.28
N GLN C 345 12.89 -16.51 -39.12
CA GLN C 345 14.10 -15.90 -38.60
C GLN C 345 15.10 -16.97 -38.17
N GLU C 346 16.37 -16.72 -38.43
CA GLU C 346 17.43 -17.66 -38.09
C GLU C 346 17.87 -17.47 -36.64
N LYS C 347 18.96 -18.11 -36.25
CA LYS C 347 19.46 -18.07 -34.87
C LYS C 347 20.94 -17.70 -34.88
N PRO C 348 21.26 -16.43 -35.00
CA PRO C 348 22.66 -15.99 -34.94
C PRO C 348 23.11 -15.70 -33.52
N ARG C 349 24.40 -15.41 -33.38
CA ARG C 349 25.02 -15.07 -32.11
C ARG C 349 25.30 -13.57 -32.08
N PHE C 350 24.87 -12.90 -31.02
CA PHE C 350 24.96 -11.45 -30.92
C PHE C 350 25.43 -11.05 -29.53
N PHE C 351 25.96 -9.83 -29.44
CA PHE C 351 26.43 -9.24 -28.19
C PHE C 351 25.84 -7.84 -28.08
N GLN C 352 24.96 -7.63 -27.12
CA GLN C 352 24.32 -6.34 -26.89
C GLN C 352 24.74 -5.79 -25.54
N SER C 353 25.22 -4.55 -25.53
CA SER C 353 25.69 -3.91 -24.30
C SER C 353 25.29 -2.45 -24.32
N THR C 354 24.51 -2.03 -23.32
CA THR C 354 24.06 -0.65 -23.20
C THR C 354 24.50 -0.10 -21.85
N LEU C 355 25.00 1.14 -21.85
CA LEU C 355 25.46 1.79 -20.63
C LEU C 355 24.88 3.19 -20.55
N LEU C 356 24.26 3.50 -19.42
CA LEU C 356 23.69 4.81 -19.14
C LEU C 356 24.37 5.40 -17.92
N HIS C 357 24.78 6.66 -18.01
CA HIS C 357 25.48 7.34 -16.93
C HIS C 357 24.93 8.74 -16.76
N GLY C 358 25.05 9.27 -15.55
CA GLY C 358 24.62 10.62 -15.22
C GLY C 358 25.82 11.49 -14.91
N LEU C 359 25.69 12.77 -15.23
CA LEU C 359 26.71 13.78 -15.01
C LEU C 359 26.08 14.94 -14.26
N PRO C 360 26.88 15.75 -13.56
CA PRO C 360 26.33 16.90 -12.86
C PRO C 360 25.64 17.86 -13.83
N ALA C 361 24.79 18.71 -13.26
CA ALA C 361 24.00 19.71 -14.00
C ALA C 361 22.98 19.10 -14.93
N GLY C 362 22.56 17.86 -14.68
CA GLY C 362 21.43 17.26 -15.38
C GLY C 362 21.77 16.49 -16.64
N TRP C 363 23.03 16.48 -17.07
CA TRP C 363 23.39 15.73 -18.27
C TRP C 363 23.24 14.23 -18.03
N THR C 364 22.73 13.52 -19.04
CA THR C 364 22.68 12.07 -19.00
C THR C 364 23.20 11.54 -20.33
N ILE C 365 24.22 10.69 -20.28
CA ILE C 365 24.85 10.15 -21.48
C ILE C 365 24.55 8.67 -21.55
N TYR C 366 23.95 8.23 -22.65
CA TYR C 366 23.61 6.82 -22.83
C TYR C 366 24.13 6.33 -24.16
N GLY C 367 24.91 5.23 -24.12
CA GLY C 367 25.43 4.61 -25.32
C GLY C 367 25.08 3.14 -25.34
N GLY C 368 25.26 2.55 -26.52
CA GLY C 368 24.94 1.14 -26.67
C GLY C 368 25.50 0.58 -27.96
N THR C 369 25.78 -0.72 -27.92
CA THR C 369 26.22 -1.47 -29.09
C THR C 369 25.42 -2.75 -29.20
N GLN C 370 25.17 -3.16 -30.43
CA GLN C 370 24.38 -4.35 -30.75
C GLN C 370 25.14 -5.23 -31.73
N LEU C 371 26.40 -5.53 -31.40
CA LEU C 371 27.29 -6.19 -32.34
C LEU C 371 26.78 -7.57 -32.71
N ALA C 372 26.95 -7.94 -33.97
CA ALA C 372 26.56 -9.26 -34.47
C ALA C 372 27.49 -9.66 -35.60
N ASP C 373 27.32 -10.89 -36.08
CA ASP C 373 28.18 -11.39 -37.15
C ASP C 373 27.97 -10.59 -38.44
N ARG C 374 26.72 -10.26 -38.77
CA ARG C 374 26.41 -9.54 -40.00
C ARG C 374 25.57 -8.29 -39.73
N TYR C 375 25.65 -7.75 -38.52
CA TYR C 375 24.87 -6.55 -38.16
C TYR C 375 25.65 -5.79 -37.10
N ARG C 376 25.89 -4.50 -37.34
CA ARG C 376 26.64 -3.66 -36.41
C ARG C 376 25.87 -2.37 -36.18
N ALA C 377 25.33 -2.21 -34.98
CA ALA C 377 24.55 -1.02 -34.63
C ALA C 377 25.17 -0.36 -33.40
N PHE C 378 25.36 0.96 -33.48
CA PHE C 378 25.91 1.74 -32.38
C PHE C 378 25.03 2.95 -32.15
N ASN C 379 24.60 3.13 -30.90
CA ASN C 379 23.71 4.21 -30.51
C ASN C 379 24.40 5.10 -29.49
N PHE C 380 24.25 6.42 -29.65
CA PHE C 380 24.79 7.39 -28.72
C PHE C 380 23.76 8.49 -28.53
N GLY C 381 23.57 8.92 -27.28
CA GLY C 381 22.58 9.95 -27.03
C GLY C 381 22.80 10.65 -25.71
N ILE C 382 22.18 11.83 -25.61
CA ILE C 382 22.30 12.70 -24.44
C ILE C 382 20.92 13.25 -24.09
N GLY C 383 20.66 13.36 -22.79
CA GLY C 383 19.41 13.92 -22.31
C GLY C 383 19.67 15.02 -21.31
N LYS C 384 18.83 16.05 -21.36
CA LYS C 384 19.03 17.25 -20.55
C LYS C 384 17.68 17.78 -20.08
N ASN C 385 17.64 18.17 -18.81
CA ASN C 385 16.49 18.83 -18.20
C ASN C 385 16.67 20.34 -18.36
N MET C 386 16.05 20.91 -19.39
CA MET C 386 16.14 22.36 -19.59
C MET C 386 15.45 23.12 -18.48
N GLY C 387 14.39 22.54 -17.91
CA GLY C 387 13.69 23.15 -16.78
C GLY C 387 12.36 23.76 -17.21
N ALA C 388 12.32 25.10 -17.28
CA ALA C 388 11.10 25.78 -17.69
C ALA C 388 10.70 25.37 -19.10
N LEU C 389 11.67 25.23 -20.00
CA LEU C 389 11.38 24.71 -21.32
C LEU C 389 10.88 23.28 -21.26
N GLY C 390 11.48 22.46 -20.42
CA GLY C 390 11.05 21.08 -20.26
C GLY C 390 12.20 20.10 -20.14
N ALA C 391 12.05 18.92 -20.74
CA ALA C 391 13.10 17.91 -20.75
C ALA C 391 13.24 17.36 -22.15
N LEU C 392 14.47 17.25 -22.65
CA LEU C 392 14.72 16.83 -24.02
C LEU C 392 15.78 15.75 -24.05
N SER C 393 15.48 14.65 -24.74
CA SER C 393 16.42 13.55 -24.93
C SER C 393 16.64 13.35 -26.43
N VAL C 394 17.90 13.33 -26.85
CA VAL C 394 18.26 13.18 -28.25
C VAL C 394 19.16 11.96 -28.36
N ASP C 395 18.92 11.14 -29.39
CA ASP C 395 19.86 10.05 -29.64
C ASP C 395 19.94 9.74 -31.13
N MET C 396 21.07 9.17 -31.51
CA MET C 396 21.35 8.81 -32.90
C MET C 396 21.96 7.42 -32.94
N THR C 397 21.46 6.58 -33.85
CA THR C 397 21.94 5.21 -34.01
C THR C 397 22.40 5.03 -35.46
N GLN C 398 23.61 4.51 -35.63
CA GLN C 398 24.15 4.18 -36.93
C GLN C 398 24.28 2.67 -37.04
N ALA C 399 23.77 2.10 -38.13
CA ALA C 399 23.72 0.66 -38.28
C ALA C 399 24.14 0.24 -39.67
N ASN C 400 25.02 -0.75 -39.74
CA ASN C 400 25.35 -1.46 -40.97
C ASN C 400 24.72 -2.84 -40.92
N SER C 401 23.88 -3.15 -41.90
CA SER C 401 23.11 -4.37 -41.91
C SER C 401 23.36 -5.16 -43.19
N THR C 402 23.46 -6.48 -43.05
CA THR C 402 23.62 -7.40 -44.17
C THR C 402 22.31 -8.13 -44.37
N LEU C 403 21.53 -7.70 -45.36
CA LEU C 403 20.24 -8.32 -45.64
C LEU C 403 20.44 -9.71 -46.21
N PRO C 404 19.40 -10.57 -46.16
CA PRO C 404 19.52 -11.92 -46.72
C PRO C 404 19.86 -11.92 -48.21
N ASP C 405 19.62 -10.79 -48.88
CA ASP C 405 20.04 -10.61 -50.26
C ASP C 405 21.54 -10.38 -50.40
N ASP C 406 22.30 -10.56 -49.32
CA ASP C 406 23.75 -10.39 -49.33
C ASP C 406 24.16 -9.01 -49.81
N SER C 407 23.44 -7.99 -49.34
CA SER C 407 23.72 -6.61 -49.67
C SER C 407 23.91 -5.81 -48.38
N GLN C 408 24.97 -5.01 -48.34
CA GLN C 408 25.26 -4.18 -47.18
C GLN C 408 24.52 -2.85 -47.29
N HIS C 409 23.91 -2.43 -46.18
CA HIS C 409 23.17 -1.18 -46.15
C HIS C 409 23.53 -0.42 -44.89
N ASP C 410 23.85 0.86 -45.05
CA ASP C 410 24.16 1.75 -43.93
C ASP C 410 23.00 2.69 -43.70
N GLY C 411 22.61 2.85 -42.44
CA GLY C 411 21.49 3.70 -42.11
C GLY C 411 21.68 4.39 -40.78
N GLN C 412 20.89 5.44 -40.58
CA GLN C 412 20.90 6.22 -39.36
C GLN C 412 19.48 6.45 -38.87
N SER C 413 19.35 6.66 -37.56
CA SER C 413 18.06 6.92 -36.96
C SER C 413 18.24 7.91 -35.81
N VAL C 414 17.53 9.03 -35.89
CA VAL C 414 17.61 10.09 -34.89
C VAL C 414 16.27 10.20 -34.20
N ARG C 415 16.28 10.17 -32.88
CA ARG C 415 15.06 10.24 -32.08
C ARG C 415 15.14 11.40 -31.08
N PHE C 416 14.07 12.18 -31.05
CA PHE C 416 13.87 13.26 -30.09
C PHE C 416 12.71 12.89 -29.17
N LEU C 417 12.86 13.21 -27.88
CA LEU C 417 11.80 13.03 -26.89
C LEU C 417 11.72 14.30 -26.05
N TYR C 418 10.59 15.01 -26.15
CA TYR C 418 10.38 16.26 -25.43
C TYR C 418 9.19 16.10 -24.50
N ASN C 419 9.37 16.53 -23.25
CA ASN C 419 8.31 16.46 -22.25
C ASN C 419 8.21 17.79 -21.53
N LYS C 420 6.98 18.29 -21.38
CA LYS C 420 6.74 19.55 -20.70
C LYS C 420 5.49 19.45 -19.84
N SER C 421 5.54 20.04 -18.65
CA SER C 421 4.39 20.09 -17.77
C SER C 421 3.74 21.47 -17.82
N LEU C 422 2.56 21.57 -17.23
CA LEU C 422 1.79 22.81 -17.19
C LEU C 422 1.54 23.38 -18.58
N GLY C 426 -5.35 24.70 -16.14
CA GLY C 426 -4.14 25.14 -15.48
C GLY C 426 -2.90 24.38 -15.90
N THR C 427 -2.98 23.05 -15.83
CA THR C 427 -1.87 22.19 -16.20
C THR C 427 -2.14 21.57 -17.57
N ASN C 428 -1.16 21.69 -18.47
CA ASN C 428 -1.26 21.14 -19.83
C ASN C 428 0.00 20.32 -20.08
N ILE C 429 -0.13 19.00 -19.94
CA ILE C 429 1.01 18.10 -20.13
C ILE C 429 1.18 17.81 -21.61
N GLN C 430 2.39 18.07 -22.12
CA GLN C 430 2.72 17.87 -23.52
C GLN C 430 3.85 16.86 -23.64
N LEU C 431 3.65 15.84 -24.46
CA LEU C 431 4.66 14.82 -24.74
C LEU C 431 4.80 14.70 -26.24
N VAL C 432 6.01 14.91 -26.76
CA VAL C 432 6.29 14.84 -28.18
C VAL C 432 7.41 13.84 -28.39
N GLY C 433 7.21 12.92 -29.33
CA GLY C 433 8.22 11.95 -29.68
C GLY C 433 8.38 11.85 -31.18
N TYR C 434 9.64 11.91 -31.63
CA TYR C 434 9.92 11.81 -33.05
C TYR C 434 11.05 10.81 -33.26
N ARG C 435 10.89 9.96 -34.27
CA ARG C 435 11.93 9.00 -34.64
C ARG C 435 12.03 9.00 -36.15
N TYR C 436 13.08 9.63 -36.69
CA TYR C 436 13.28 9.73 -38.13
C TYR C 436 14.45 8.84 -38.52
N SER C 437 14.20 7.89 -39.41
CA SER C 437 15.20 6.93 -39.85
C SER C 437 15.42 7.08 -41.35
N THR C 438 16.69 7.23 -41.74
CA THR C 438 17.04 7.29 -43.14
C THR C 438 16.85 5.93 -43.81
N SER C 439 16.70 5.96 -45.12
CA SER C 439 16.54 4.72 -45.88
C SER C 439 17.79 3.85 -45.75
N GLY C 440 17.59 2.54 -45.68
CA GLY C 440 18.68 1.61 -45.49
C GLY C 440 18.99 1.27 -44.05
N TYR C 441 18.25 1.82 -43.10
CA TYR C 441 18.43 1.53 -41.68
C TYR C 441 17.44 0.46 -41.25
N PHE C 442 17.94 -0.58 -40.60
CA PHE C 442 17.11 -1.68 -40.14
C PHE C 442 17.56 -2.12 -38.75
N ASN C 443 16.63 -2.71 -38.01
CA ASN C 443 16.95 -3.25 -36.70
C ASN C 443 17.64 -4.60 -36.83
N PHE C 444 18.14 -5.10 -35.69
CA PHE C 444 18.80 -6.40 -35.70
C PHE C 444 17.84 -7.53 -36.05
N ALA C 445 16.55 -7.35 -35.76
CA ALA C 445 15.57 -8.38 -36.08
C ALA C 445 15.35 -8.53 -37.58
N ASP C 446 15.63 -7.48 -38.36
CA ASP C 446 15.40 -7.54 -39.80
C ASP C 446 16.46 -8.32 -40.55
N THR C 447 17.64 -8.52 -39.97
CA THR C 447 18.72 -9.23 -40.62
C THR C 447 18.80 -10.70 -40.23
N THR C 448 17.86 -11.18 -39.42
CA THR C 448 17.86 -12.56 -38.96
C THR C 448 16.97 -13.47 -39.81
N TYR C 449 16.33 -12.93 -40.86
CA TYR C 449 15.40 -13.71 -41.65
C TYR C 449 16.13 -14.80 -42.42
N SER C 450 15.33 -15.66 -43.07
CA SER C 450 15.88 -16.78 -43.82
C SER C 450 16.63 -16.28 -45.05
N ARG C 451 17.63 -17.05 -45.47
CA ARG C 451 18.44 -16.69 -46.63
C ARG C 451 17.60 -16.74 -47.90
N MET C 452 17.96 -15.88 -48.85
CA MET C 452 17.29 -15.78 -50.14
C MET C 452 15.79 -15.53 -49.98
N LEU C 476 8.16 -8.69 -45.31
CA LEU C 476 8.36 -7.29 -44.97
C LEU C 476 9.25 -6.61 -46.00
N ALA C 477 8.66 -5.71 -46.79
CA ALA C 477 9.38 -5.00 -47.85
C ALA C 477 9.52 -3.51 -47.57
N TYR C 478 8.42 -2.82 -47.28
CA TYR C 478 8.48 -1.38 -47.03
C TYR C 478 9.18 -1.12 -45.69
N ASN C 479 10.04 -0.11 -45.67
CA ASN C 479 10.75 0.29 -44.47
C ASN C 479 10.20 1.60 -43.94
N LYS C 480 10.17 1.72 -42.61
CA LYS C 480 9.64 2.92 -41.98
C LYS C 480 10.57 4.10 -42.21
N ARG C 481 9.98 5.28 -42.40
CA ARG C 481 10.73 6.52 -42.53
C ARG C 481 10.69 7.36 -41.27
N GLY C 482 9.50 7.58 -40.71
CA GLY C 482 9.39 8.40 -39.51
C GLY C 482 8.16 8.12 -38.68
N LYS C 483 8.33 8.10 -37.36
CA LYS C 483 7.23 7.92 -36.43
C LYS C 483 7.10 9.16 -35.56
N LEU C 484 5.90 9.72 -35.49
CA LEU C 484 5.62 10.92 -34.73
C LEU C 484 4.49 10.66 -33.75
N GLN C 485 4.69 11.02 -32.49
CA GLN C 485 3.71 10.80 -31.43
C GLN C 485 3.48 12.10 -30.68
N LEU C 486 2.22 12.49 -30.53
CA LEU C 486 1.81 13.65 -29.75
C LEU C 486 0.85 13.21 -28.66
N THR C 487 1.03 13.74 -27.46
CA THR C 487 0.15 13.45 -26.33
C THR C 487 -0.09 14.75 -25.57
N VAL C 488 -1.33 15.21 -25.58
CA VAL C 488 -1.71 16.45 -24.89
C VAL C 488 -2.78 16.10 -23.86
N THR C 489 -2.51 16.45 -22.60
CA THR C 489 -3.44 16.20 -21.50
C THR C 489 -3.79 17.53 -20.83
N GLN C 490 -5.08 17.83 -20.76
CA GLN C 490 -5.57 19.05 -20.14
C GLN C 490 -6.60 18.70 -19.09
N GLN C 491 -6.45 19.24 -17.88
CA GLN C 491 -7.37 18.96 -16.79
C GLN C 491 -8.36 20.12 -16.66
N LEU C 492 -9.63 19.83 -16.85
CA LEU C 492 -10.71 20.79 -16.62
C LEU C 492 -11.21 20.61 -15.19
N GLY C 493 -11.03 21.63 -14.36
CA GLY C 493 -11.42 21.54 -12.97
C GLY C 493 -10.55 20.53 -12.23
N ARG C 494 -11.09 20.09 -11.09
CA ARG C 494 -10.47 19.02 -10.31
C ARG C 494 -11.10 17.66 -10.60
N THR C 495 -12.02 17.59 -11.57
CA THR C 495 -12.74 16.37 -11.88
C THR C 495 -12.51 15.89 -13.30
N SER C 496 -12.60 16.79 -14.29
CA SER C 496 -12.58 16.38 -15.68
C SER C 496 -11.15 16.34 -16.22
N THR C 497 -10.87 15.32 -17.03
CA THR C 497 -9.58 15.20 -17.69
C THR C 497 -9.80 14.88 -19.16
N LEU C 498 -9.25 15.70 -20.05
CA LEU C 498 -9.33 15.48 -21.48
C LEU C 498 -7.95 15.15 -22.02
N TYR C 499 -7.89 14.16 -22.90
CA TYR C 499 -6.63 13.69 -23.44
C TYR C 499 -6.74 13.47 -24.94
N LEU C 500 -5.68 13.85 -25.65
CA LEU C 500 -5.56 13.66 -27.09
C LEU C 500 -4.24 12.95 -27.37
N SER C 501 -4.28 11.89 -28.16
CA SER C 501 -3.09 11.15 -28.54
C SER C 501 -3.11 10.92 -30.04
N GLY C 502 -1.96 11.12 -30.68
CA GLY C 502 -1.85 10.97 -32.11
C GLY C 502 -0.54 10.32 -32.54
N SER C 503 -0.65 9.33 -33.42
CA SER C 503 0.51 8.61 -33.96
C SER C 503 0.47 8.67 -35.47
N HIS C 504 1.57 9.11 -36.07
CA HIS C 504 1.71 9.28 -37.51
C HIS C 504 2.91 8.49 -37.99
N GLN C 505 2.74 7.72 -39.05
CA GLN C 505 3.79 6.86 -39.59
C GLN C 505 4.05 7.19 -41.05
N THR C 506 5.33 7.25 -41.41
CA THR C 506 5.76 7.50 -42.78
C THR C 506 6.78 6.44 -43.17
N TYR C 507 6.72 6.00 -44.42
CA TYR C 507 7.62 4.99 -44.96
C TYR C 507 8.43 5.58 -46.11
N TRP C 508 9.19 4.72 -46.79
CA TRP C 508 9.99 5.12 -47.94
C TRP C 508 9.40 4.51 -49.20
N GLY C 509 9.33 5.31 -50.25
CA GLY C 509 8.83 4.83 -51.53
C GLY C 509 7.33 4.74 -51.65
N THR C 510 6.58 5.25 -50.67
CA THR C 510 5.14 5.20 -50.72
C THR C 510 4.57 6.33 -49.86
N SER C 511 3.30 6.64 -50.11
CA SER C 511 2.59 7.67 -49.36
C SER C 511 1.71 7.10 -48.26
N ASN C 512 1.86 5.81 -47.95
CA ASN C 512 1.04 5.18 -46.93
C ASN C 512 1.31 5.80 -45.56
N VAL C 513 0.23 6.09 -44.84
CA VAL C 513 0.31 6.64 -43.49
C VAL C 513 -0.59 5.82 -42.59
N ASP C 514 -0.02 5.31 -41.49
CA ASP C 514 -0.79 4.55 -40.50
C ASP C 514 -1.08 5.48 -39.32
N GLU C 515 -2.15 6.24 -39.46
CA GLU C 515 -2.51 7.25 -38.47
C GLU C 515 -3.43 6.65 -37.42
N GLN C 516 -3.15 6.98 -36.16
CA GLN C 516 -3.95 6.50 -35.04
C GLN C 516 -4.22 7.67 -34.10
N PHE C 517 -5.48 8.06 -33.97
CA PHE C 517 -5.88 9.18 -33.13
C PHE C 517 -6.86 8.69 -32.07
N GLN C 518 -6.61 9.05 -30.82
CA GLN C 518 -7.47 8.69 -29.70
C GLN C 518 -7.73 9.92 -28.85
N ALA C 519 -8.98 10.36 -28.80
CA ALA C 519 -9.39 11.45 -27.94
C ALA C 519 -10.31 10.91 -26.86
N GLY C 520 -10.29 11.54 -25.70
CA GLY C 520 -11.12 11.05 -24.62
C GLY C 520 -11.32 12.09 -23.54
N LEU C 521 -12.43 11.91 -22.80
CA LEU C 521 -12.76 12.75 -21.67
C LEU C 521 -13.26 11.85 -20.55
N ASN C 522 -12.64 11.98 -19.37
CA ASN C 522 -13.02 11.22 -18.18
C ASN C 522 -13.54 12.21 -17.15
N THR C 523 -14.71 11.91 -16.56
CA THR C 523 -15.26 12.70 -15.48
C THR C 523 -15.74 11.78 -14.37
N ALA C 524 -15.58 12.24 -13.13
CA ALA C 524 -15.95 11.46 -11.96
C ALA C 524 -16.87 12.30 -11.09
N PHE C 525 -18.07 11.78 -10.84
CA PHE C 525 -18.99 12.40 -9.88
C PHE C 525 -18.62 11.88 -8.49
N GLU C 526 -19.49 12.14 -7.50
CA GLU C 526 -19.26 11.58 -6.18
C GLU C 526 -19.27 10.06 -6.22
N ASP C 527 -20.18 9.47 -6.98
CA ASP C 527 -20.24 8.03 -7.18
C ASP C 527 -20.16 7.62 -8.64
N ILE C 528 -20.83 8.34 -9.53
CA ILE C 528 -20.86 7.99 -10.94
C ILE C 528 -19.55 8.39 -11.61
N ASN C 529 -19.06 7.53 -12.49
CA ASN C 529 -17.86 7.83 -13.27
C ASN C 529 -18.16 7.57 -14.74
N TRP C 530 -18.08 8.60 -15.57
CA TRP C 530 -18.44 8.45 -16.98
C TRP C 530 -17.37 9.03 -17.88
N THR C 531 -17.20 8.38 -19.03
CA THR C 531 -16.12 8.66 -19.96
C THR C 531 -16.63 8.54 -21.38
N LEU C 532 -16.20 9.48 -22.23
CA LEU C 532 -16.51 9.44 -23.66
C LEU C 532 -15.21 9.45 -24.44
N SER C 533 -15.05 8.48 -25.34
CA SER C 533 -13.82 8.31 -26.10
C SER C 533 -14.13 8.17 -27.59
N TYR C 534 -13.23 8.71 -28.41
CA TYR C 534 -13.33 8.62 -29.86
C TYR C 534 -12.01 8.09 -30.41
N SER C 535 -12.11 7.10 -31.31
CA SER C 535 -10.95 6.48 -31.92
C SER C 535 -11.04 6.60 -33.43
N LEU C 536 -9.92 6.94 -34.07
CA LEU C 536 -9.84 7.09 -35.52
C LEU C 536 -8.56 6.42 -36.00
N THR C 537 -8.71 5.30 -36.70
CA THR C 537 -7.57 4.56 -37.24
C THR C 537 -7.64 4.62 -38.76
N LYS C 538 -6.65 5.27 -39.38
CA LYS C 538 -6.55 5.41 -40.81
C LYS C 538 -5.37 4.60 -41.32
N ASN C 539 -5.64 3.67 -42.24
CA ASN C 539 -4.61 2.82 -42.83
C ASN C 539 -4.84 2.75 -44.33
N ALA C 540 -3.82 3.12 -45.10
CA ALA C 540 -3.93 3.05 -46.56
C ALA C 540 -3.95 1.62 -47.06
N TRP C 541 -3.53 0.65 -46.25
CA TRP C 541 -3.64 -0.74 -46.64
C TRP C 541 -5.10 -1.14 -46.81
N GLN C 542 -5.96 -0.72 -45.89
CA GLN C 542 -7.39 -1.01 -45.96
C GLN C 542 -8.18 0.07 -46.68
N LYS C 543 -7.55 1.21 -47.00
CA LYS C 543 -8.20 2.30 -47.71
C LYS C 543 -9.48 2.76 -47.00
N GLY C 544 -9.40 2.86 -45.68
CA GLY C 544 -10.55 3.28 -44.89
C GLY C 544 -10.13 3.82 -43.54
N ARG C 545 -11.00 4.65 -42.98
CA ARG C 545 -10.79 5.26 -41.67
C ARG C 545 -11.83 4.74 -40.71
N ASP C 546 -11.42 3.85 -39.80
CA ASP C 546 -12.32 3.31 -38.79
C ASP C 546 -12.50 4.33 -37.68
N GLN C 547 -13.75 4.75 -37.47
CA GLN C 547 -14.10 5.71 -36.43
C GLN C 547 -15.06 5.07 -35.46
N MET C 548 -14.73 5.12 -34.17
CA MET C 548 -15.52 4.50 -33.13
C MET C 548 -15.76 5.48 -31.99
N LEU C 549 -16.95 5.41 -31.39
CA LEU C 549 -17.29 6.24 -30.24
C LEU C 549 -17.75 5.32 -29.12
N ALA C 550 -17.11 5.45 -27.95
CA ALA C 550 -17.39 4.59 -26.81
C ALA C 550 -17.73 5.44 -25.59
N LEU C 551 -18.86 5.14 -24.96
CA LEU C 551 -19.29 5.80 -23.74
C LEU C 551 -19.39 4.77 -22.63
N ASN C 552 -18.72 5.03 -21.50
CA ASN C 552 -18.67 4.10 -20.39
C ASN C 552 -19.14 4.80 -19.12
N VAL C 553 -20.06 4.17 -18.40
CA VAL C 553 -20.60 4.71 -17.16
C VAL C 553 -20.51 3.63 -16.08
N ASN C 554 -19.97 4.00 -14.92
CA ASN C 554 -19.88 3.12 -13.77
C ASN C 554 -20.63 3.75 -12.60
N ILE C 555 -21.59 3.00 -12.05
CA ILE C 555 -22.43 3.48 -10.96
C ILE C 555 -22.45 2.42 -9.85
N PRO C 556 -21.81 2.68 -8.70
CA PRO C 556 -21.94 1.74 -7.58
C PRO C 556 -23.34 1.79 -6.99
N PHE C 557 -23.73 0.66 -6.38
CA PHE C 557 -25.05 0.56 -5.76
C PHE C 557 -25.14 1.32 -4.44
N SER C 558 -23.99 1.72 -3.86
CA SER C 558 -24.01 2.48 -2.62
C SER C 558 -24.65 3.86 -2.78
N HIS C 559 -24.80 4.33 -4.02
CA HIS C 559 -25.45 5.62 -4.23
C HIS C 559 -26.89 5.59 -3.76
N TRP C 560 -27.60 4.50 -4.03
CA TRP C 560 -28.98 4.36 -3.55
C TRP C 560 -29.05 3.59 -2.23
N LEU C 561 -28.18 2.61 -2.03
CA LEU C 561 -28.20 1.84 -0.80
C LEU C 561 -27.74 2.70 0.38
N ARG C 562 -28.34 2.46 1.54
CA ARG C 562 -27.98 3.22 2.73
C ARG C 562 -26.58 2.85 3.20
N SER C 563 -25.95 3.78 3.91
CA SER C 563 -24.59 3.56 4.40
C SER C 563 -24.57 2.45 5.46
N ASP C 564 -23.53 1.63 5.41
CA ASP C 564 -23.34 0.53 6.35
C ASP C 564 -24.54 -0.42 6.36
N SER C 565 -25.10 -0.67 5.18
CA SER C 565 -26.23 -1.58 5.07
C SER C 565 -25.78 -3.02 5.30
N LYS C 566 -26.68 -3.80 5.88
CA LYS C 566 -26.41 -5.21 6.16
C LYS C 566 -26.55 -6.09 4.92
N SER C 567 -27.11 -5.57 3.84
CA SER C 567 -27.29 -6.36 2.63
C SER C 567 -25.96 -6.59 1.93
N GLN C 568 -25.84 -7.76 1.29
CA GLN C 568 -24.64 -8.10 0.53
C GLN C 568 -24.53 -7.32 -0.77
N TRP C 569 -25.59 -6.64 -1.20
CA TRP C 569 -25.56 -5.87 -2.44
C TRP C 569 -24.72 -4.60 -2.33
N ARG C 570 -24.27 -4.24 -1.13
CA ARG C 570 -23.53 -3.00 -0.96
C ARG C 570 -22.23 -3.00 -1.76
N HIS C 571 -21.67 -4.18 -2.04
CA HIS C 571 -20.45 -4.27 -2.81
C HIS C 571 -20.70 -4.36 -4.31
N ALA C 572 -21.95 -4.48 -4.74
CA ALA C 572 -22.28 -4.58 -6.15
C ALA C 572 -22.16 -3.23 -6.84
N SER C 573 -21.90 -3.28 -8.14
CA SER C 573 -21.80 -2.07 -8.95
C SER C 573 -22.32 -2.38 -10.36
N ALA C 574 -22.73 -1.32 -11.06
CA ALA C 574 -23.30 -1.46 -12.40
C ALA C 574 -22.44 -0.73 -13.42
N SER C 575 -22.39 -1.29 -14.63
CA SER C 575 -21.60 -0.72 -15.72
C SER C 575 -22.47 -0.68 -16.97
N TYR C 576 -22.43 0.45 -17.68
CA TYR C 576 -23.17 0.65 -18.91
C TYR C 576 -22.20 1.10 -19.99
N SER C 577 -22.27 0.43 -21.15
CA SER C 577 -21.35 0.73 -22.24
C SER C 577 -22.15 0.90 -23.53
N MET C 578 -21.88 2.00 -24.23
CA MET C 578 -22.49 2.30 -25.52
C MET C 578 -21.40 2.43 -26.56
N SER C 579 -21.57 1.74 -27.69
CA SER C 579 -20.58 1.74 -28.76
C SER C 579 -21.28 2.09 -30.07
N HIS C 580 -20.76 3.11 -30.75
CA HIS C 580 -21.30 3.55 -32.04
C HIS C 580 -20.18 3.56 -33.06
N ASP C 581 -20.39 2.84 -34.17
CA ASP C 581 -19.45 2.89 -35.29
C ASP C 581 -19.72 4.07 -36.22
N LEU C 582 -20.88 4.71 -36.09
CA LEU C 582 -21.30 5.87 -36.89
C LEU C 582 -21.53 5.50 -38.35
N ASN C 583 -21.22 4.25 -38.72
CA ASN C 583 -21.50 3.76 -40.06
C ASN C 583 -21.96 2.31 -40.09
N GLY C 584 -22.12 1.67 -38.94
CA GLY C 584 -22.48 0.26 -38.89
C GLY C 584 -23.31 -0.05 -37.67
N ARG C 585 -23.22 -1.30 -37.20
CA ARG C 585 -24.02 -1.74 -36.08
C ARG C 585 -23.55 -1.12 -34.78
N MET C 586 -24.51 -0.77 -33.93
CA MET C 586 -24.22 -0.21 -32.62
C MET C 586 -24.24 -1.31 -31.57
N THR C 587 -23.94 -0.95 -30.32
CA THR C 587 -23.91 -1.92 -29.24
C THR C 587 -24.25 -1.22 -27.93
N ASN C 588 -25.06 -1.89 -27.10
CA ASN C 588 -25.37 -1.41 -25.76
C ASN C 588 -25.30 -2.59 -24.80
N LEU C 589 -24.42 -2.49 -23.80
CA LEU C 589 -24.17 -3.58 -22.85
C LEU C 589 -24.31 -3.06 -21.44
N ALA C 590 -25.16 -3.72 -20.63
CA ALA C 590 -25.33 -3.38 -19.23
C ALA C 590 -25.00 -4.59 -18.37
N GLY C 591 -24.22 -4.37 -17.32
CA GLY C 591 -23.79 -5.48 -16.49
C GLY C 591 -23.60 -5.16 -15.03
N VAL C 592 -23.88 -6.13 -14.16
CA VAL C 592 -23.68 -5.99 -12.73
C VAL C 592 -22.55 -6.91 -12.31
N TYR C 593 -21.58 -6.35 -11.58
CA TYR C 593 -20.43 -7.08 -11.09
C TYR C 593 -20.22 -6.76 -9.62
N GLY C 594 -19.73 -7.76 -8.88
CA GLY C 594 -19.50 -7.57 -7.46
C GLY C 594 -19.02 -8.84 -6.80
N THR C 595 -18.95 -8.78 -5.48
CA THR C 595 -18.53 -9.91 -4.65
C THR C 595 -19.71 -10.42 -3.84
N LEU C 596 -19.65 -11.71 -3.48
CA LEU C 596 -20.78 -12.34 -2.80
C LEU C 596 -20.36 -13.05 -1.52
N LEU C 597 -19.13 -13.56 -1.49
CA LEU C 597 -18.70 -14.36 -0.36
C LEU C 597 -18.37 -13.47 0.84
N GLU C 598 -18.23 -14.10 2.02
CA GLU C 598 -17.99 -13.35 3.24
C GLU C 598 -16.68 -12.57 3.17
N ASP C 599 -15.63 -13.17 2.62
CA ASP C 599 -14.33 -12.52 2.47
C ASP C 599 -14.15 -11.91 1.09
N ASN C 600 -15.24 -11.72 0.34
CA ASN C 600 -15.20 -11.16 -1.00
C ASN C 600 -14.34 -12.01 -1.93
N ASN C 601 -14.28 -13.31 -1.68
CA ASN C 601 -13.50 -14.20 -2.54
C ASN C 601 -14.27 -14.55 -3.80
N LEU C 602 -15.57 -14.25 -3.83
CA LEU C 602 -16.35 -14.49 -5.03
C LEU C 602 -16.42 -13.22 -5.87
N SER C 603 -16.70 -13.40 -7.16
CA SER C 603 -16.79 -12.29 -8.09
C SER C 603 -17.73 -12.68 -9.23
N TYR C 604 -18.94 -12.12 -9.21
CA TYR C 604 -19.90 -12.30 -10.28
C TYR C 604 -19.81 -11.11 -11.22
N SER C 605 -19.90 -11.38 -12.52
CA SER C 605 -19.77 -10.37 -13.56
C SER C 605 -20.86 -10.54 -14.62
N VAL C 606 -22.11 -10.59 -14.19
CA VAL C 606 -23.21 -10.96 -15.09
C VAL C 606 -23.62 -9.73 -15.91
N GLN C 607 -23.50 -9.84 -17.23
CA GLN C 607 -23.80 -8.73 -18.13
C GLN C 607 -24.61 -9.24 -19.32
N THR C 608 -25.52 -8.38 -19.79
CA THR C 608 -26.32 -8.67 -20.97
C THR C 608 -26.32 -7.44 -21.87
N GLY C 609 -26.38 -7.66 -23.17
CA GLY C 609 -26.34 -6.55 -24.11
C GLY C 609 -26.87 -6.93 -25.46
N TYR C 610 -27.08 -5.90 -26.28
CA TYR C 610 -27.56 -6.05 -27.64
C TYR C 610 -26.54 -5.46 -28.61
N ALA C 611 -26.31 -6.16 -29.72
CA ALA C 611 -25.37 -5.71 -30.74
C ALA C 611 -26.10 -5.15 -31.95
N GLY C 619 -28.26 -8.94 -32.16
CA GLY C 619 -27.93 -10.15 -31.43
C GLY C 619 -27.77 -9.92 -29.94
N SER C 620 -28.22 -10.89 -29.15
CA SER C 620 -28.13 -10.82 -27.70
C SER C 620 -26.83 -11.47 -27.23
N THR C 621 -26.10 -10.75 -26.38
CA THR C 621 -24.83 -11.22 -25.84
C THR C 621 -24.95 -11.26 -24.32
N GLY C 622 -24.84 -12.46 -23.76
CA GLY C 622 -24.90 -12.62 -22.31
C GLY C 622 -23.67 -13.29 -21.75
N TYR C 623 -22.90 -12.57 -20.93
CA TYR C 623 -21.66 -13.09 -20.36
C TYR C 623 -21.76 -13.10 -18.85
N ALA C 624 -21.61 -14.27 -18.25
CA ALA C 624 -21.72 -14.43 -16.80
C ALA C 624 -20.53 -15.21 -16.29
N THR C 625 -19.70 -14.57 -15.46
CA THR C 625 -18.54 -15.21 -14.86
C THR C 625 -18.68 -15.20 -13.34
N LEU C 626 -18.25 -16.30 -12.72
CA LEU C 626 -18.42 -16.58 -11.30
C LEU C 626 -17.08 -16.90 -10.65
N ASN C 627 -16.11 -16.01 -10.85
CA ASN C 627 -14.76 -16.26 -10.36
C ASN C 627 -14.74 -16.44 -8.85
N TYR C 628 -13.83 -17.28 -8.38
CA TYR C 628 -13.72 -17.58 -6.95
C TYR C 628 -12.25 -17.79 -6.60
N ARG C 629 -11.85 -17.21 -5.47
CA ARG C 629 -10.47 -17.24 -5.00
C ARG C 629 -10.43 -17.91 -3.63
N GLY C 630 -10.25 -19.23 -3.62
CA GLY C 630 -10.22 -19.98 -2.39
C GLY C 630 -8.84 -20.09 -1.79
N GLY C 631 -8.76 -20.79 -0.65
CA GLY C 631 -7.50 -21.02 0.00
C GLY C 631 -6.64 -22.10 -0.61
N TYR C 632 -7.19 -22.86 -1.56
CA TYR C 632 -6.44 -23.88 -2.27
C TYR C 632 -6.10 -23.49 -3.69
N GLY C 633 -6.95 -22.72 -4.35
CA GLY C 633 -6.69 -22.31 -5.71
C GLY C 633 -7.84 -21.47 -6.22
N ASN C 634 -7.59 -20.83 -7.37
CA ASN C 634 -8.59 -20.00 -8.02
C ASN C 634 -9.37 -20.80 -9.05
N ALA C 635 -10.69 -20.66 -9.03
CA ALA C 635 -11.56 -21.36 -9.97
C ALA C 635 -12.51 -20.37 -10.61
N ASN C 636 -12.54 -20.37 -11.94
CA ASN C 636 -13.39 -19.46 -12.69
C ASN C 636 -14.29 -20.26 -13.62
N ILE C 637 -15.59 -19.96 -13.57
CA ILE C 637 -16.57 -20.57 -14.46
C ILE C 637 -17.35 -19.45 -15.15
N GLY C 638 -17.36 -19.47 -16.46
CA GLY C 638 -18.03 -18.43 -17.23
C GLY C 638 -18.83 -19.02 -18.38
N TYR C 639 -19.95 -18.36 -18.67
CA TYR C 639 -20.83 -18.76 -19.75
C TYR C 639 -21.03 -17.56 -20.67
N SER C 640 -20.88 -17.78 -21.97
CA SER C 640 -21.06 -16.76 -22.99
C SER C 640 -22.12 -17.24 -23.97
N HIS C 641 -23.19 -16.48 -24.11
CA HIS C 641 -24.31 -16.82 -24.98
C HIS C 641 -24.46 -15.75 -26.06
N SER C 642 -24.51 -16.19 -27.32
CA SER C 642 -24.70 -15.28 -28.44
C SER C 642 -25.65 -15.87 -29.47
N ILE C 645 -24.06 -19.44 -30.55
CA ILE C 645 -22.77 -19.76 -29.95
C ILE C 645 -22.89 -19.76 -28.43
N LYS C 646 -22.68 -20.92 -27.82
CA LYS C 646 -22.77 -21.08 -26.37
C LYS C 646 -21.43 -21.59 -25.86
N GLN C 647 -20.55 -20.66 -25.49
CA GLN C 647 -19.23 -21.02 -25.00
C GLN C 647 -19.24 -21.13 -23.48
N LEU C 648 -18.44 -22.07 -22.97
CA LEU C 648 -18.30 -22.30 -21.54
C LEU C 648 -16.81 -22.34 -21.21
N TYR C 649 -16.35 -21.36 -20.44
CA TYR C 649 -14.97 -21.31 -19.99
C TYR C 649 -14.89 -21.85 -18.57
N TYR C 650 -13.92 -22.74 -18.33
CA TYR C 650 -13.62 -23.17 -16.97
C TYR C 650 -12.12 -23.09 -16.76
N GLY C 651 -11.72 -22.75 -15.54
CA GLY C 651 -10.32 -22.57 -15.25
C GLY C 651 -9.96 -22.82 -13.81
N VAL C 652 -8.90 -23.59 -13.59
CA VAL C 652 -8.38 -23.89 -12.27
C VAL C 652 -6.91 -23.52 -12.24
N SER C 653 -6.53 -22.62 -11.35
CA SER C 653 -5.15 -22.19 -11.21
C SER C 653 -4.73 -22.36 -9.76
N GLY C 654 -3.45 -22.65 -9.55
CA GLY C 654 -2.96 -22.84 -8.20
C GLY C 654 -1.47 -23.08 -8.19
N GLY C 655 -0.95 -23.21 -6.98
CA GLY C 655 0.47 -23.40 -6.79
C GLY C 655 0.73 -24.40 -5.68
N VAL C 656 1.83 -25.13 -5.83
CA VAL C 656 2.26 -26.16 -4.88
C VAL C 656 3.67 -25.80 -4.43
N LEU C 657 3.84 -25.62 -3.12
CA LEU C 657 5.13 -25.28 -2.54
C LEU C 657 5.63 -26.46 -1.74
N ALA C 658 6.81 -26.97 -2.11
CA ALA C 658 7.43 -28.10 -1.42
C ALA C 658 8.59 -27.55 -0.58
N HIS C 659 8.35 -27.41 0.72
CA HIS C 659 9.35 -26.92 1.64
C HIS C 659 9.95 -28.09 2.41
N ALA C 660 10.80 -27.78 3.40
CA ALA C 660 11.48 -28.82 4.16
C ALA C 660 10.51 -29.60 5.05
N ASN C 661 9.46 -28.96 5.54
CA ASN C 661 8.53 -29.59 6.47
C ASN C 661 7.35 -30.26 5.79
N GLY C 662 7.25 -30.18 4.47
CA GLY C 662 6.15 -30.83 3.77
C GLY C 662 5.78 -30.07 2.51
N VAL C 663 4.56 -30.31 2.05
CA VAL C 663 4.03 -29.75 0.82
C VAL C 663 2.73 -29.04 1.11
N THR C 664 2.54 -27.86 0.52
CA THR C 664 1.35 -27.05 0.73
C THR C 664 0.80 -26.58 -0.60
N LEU C 665 -0.52 -26.35 -0.63
CA LEU C 665 -1.20 -25.83 -1.80
C LEU C 665 -1.71 -24.41 -1.53
N GLY C 666 -1.85 -23.64 -2.59
CA GLY C 666 -2.34 -22.28 -2.44
C GLY C 666 -2.60 -21.63 -3.78
N GLN C 667 -2.78 -20.32 -3.74
CA GLN C 667 -3.04 -19.54 -4.94
C GLN C 667 -1.79 -19.51 -5.82
N PRO C 668 -1.95 -19.22 -7.11
CA PRO C 668 -0.78 -19.12 -8.00
C PRO C 668 0.18 -18.05 -7.51
N LEU C 669 1.47 -18.33 -7.66
CA LEU C 669 2.52 -17.50 -7.10
C LEU C 669 2.97 -16.43 -8.08
N ASN C 670 3.60 -15.39 -7.55
CA ASN C 670 4.11 -14.27 -8.34
C ASN C 670 5.47 -13.88 -7.77
N ASP C 671 6.55 -14.34 -8.41
CA ASP C 671 7.91 -14.03 -8.02
C ASP C 671 8.19 -14.46 -6.59
N THR C 672 8.36 -13.50 -5.69
CA THR C 672 8.66 -13.81 -4.30
C THR C 672 7.43 -14.35 -3.59
N VAL C 673 7.64 -15.30 -2.69
CA VAL C 673 6.56 -15.89 -1.92
C VAL C 673 6.98 -16.01 -0.45
N VAL C 674 6.00 -15.88 0.42
CA VAL C 674 6.18 -15.97 1.87
C VAL C 674 5.41 -17.17 2.37
N LEU C 675 6.11 -18.12 2.96
CA LEU C 675 5.51 -19.30 3.55
C LEU C 675 5.35 -19.06 5.05
N VAL C 676 4.10 -18.90 5.48
CA VAL C 676 3.81 -18.67 6.90
C VAL C 676 3.56 -20.01 7.56
N LYS C 677 4.25 -20.23 8.68
CA LYS C 677 4.26 -21.50 9.41
C LYS C 677 3.60 -21.27 10.77
N ALA C 678 2.40 -21.83 10.94
CA ALA C 678 1.64 -21.74 12.18
C ALA C 678 1.25 -23.15 12.61
N PRO C 679 2.18 -23.87 13.24
CA PRO C 679 1.90 -25.27 13.63
C PRO C 679 0.82 -25.35 14.69
N GLY C 680 -0.25 -26.07 14.38
CA GLY C 680 -1.35 -26.28 15.30
C GLY C 680 -2.52 -25.35 15.10
N ALA C 681 -2.33 -24.23 14.42
CA ALA C 681 -3.40 -23.28 14.16
C ALA C 681 -3.86 -23.43 12.71
N LYS C 682 -5.12 -23.81 12.52
CA LYS C 682 -5.68 -24.05 11.21
C LYS C 682 -6.80 -23.06 10.93
N ASP C 683 -7.01 -22.78 9.64
CA ASP C 683 -8.06 -21.87 9.19
C ASP C 683 -7.89 -20.49 9.81
N ALA C 684 -6.76 -19.87 9.51
CA ALA C 684 -6.41 -18.54 10.01
C ALA C 684 -6.20 -17.61 8.82
N LYS C 685 -7.15 -16.70 8.60
CA LYS C 685 -7.04 -15.74 7.52
C LYS C 685 -5.91 -14.75 7.79
N VAL C 686 -5.20 -14.37 6.74
CA VAL C 686 -4.12 -13.39 6.85
C VAL C 686 -4.66 -12.02 6.47
N GLU C 687 -4.11 -10.99 7.12
CA GLU C 687 -4.60 -9.63 6.92
C GLU C 687 -4.21 -9.10 5.55
N ASN C 688 -5.09 -8.26 5.00
CA ASN C 688 -4.85 -7.57 3.73
C ASN C 688 -4.58 -8.56 2.60
N GLN C 689 -5.41 -9.60 2.53
CA GLN C 689 -5.31 -10.60 1.47
C GLN C 689 -6.70 -11.01 1.03
N THR C 690 -6.77 -11.56 -0.18
CA THR C 690 -8.05 -11.94 -0.78
C THR C 690 -8.39 -13.36 -0.35
N GLY C 691 -8.77 -13.48 0.91
CA GLY C 691 -9.24 -14.76 1.45
C GLY C 691 -8.21 -15.86 1.45
N VAL C 692 -6.97 -15.55 1.81
CA VAL C 692 -5.92 -16.55 1.94
C VAL C 692 -5.98 -17.11 3.34
N ARG C 693 -6.29 -18.40 3.46
CA ARG C 693 -6.47 -19.05 4.74
C ARG C 693 -5.47 -20.17 4.92
N THR C 694 -5.07 -20.40 6.17
CA THR C 694 -4.15 -21.49 6.48
C THR C 694 -4.84 -22.84 6.31
N ASP C 695 -4.06 -23.83 5.89
CA ASP C 695 -4.58 -25.17 5.70
C ASP C 695 -4.79 -25.85 7.04
N TRP C 696 -5.26 -27.10 6.99
CA TRP C 696 -5.47 -27.86 8.22
C TRP C 696 -4.16 -28.13 8.94
N ARG C 697 -3.08 -28.33 8.20
CA ARG C 697 -1.76 -28.46 8.83
C ARG C 697 -1.33 -27.16 9.50
N GLY C 698 -1.71 -26.02 8.93
CA GLY C 698 -1.39 -24.71 9.48
C GLY C 698 -0.58 -23.82 8.58
N TYR C 699 0.20 -24.38 7.66
CA TYR C 699 1.01 -23.58 6.76
C TYR C 699 0.14 -22.86 5.74
N ALA C 700 0.67 -21.76 5.23
CA ALA C 700 0.00 -21.05 4.14
C ALA C 700 1.04 -20.33 3.30
N VAL C 701 0.64 -19.98 2.08
CA VAL C 701 1.55 -19.37 1.10
C VAL C 701 0.95 -18.05 0.63
N LEU C 702 1.70 -16.97 0.78
CA LEU C 702 1.26 -15.68 0.26
C LEU C 702 1.55 -15.60 -1.24
N PRO C 703 0.61 -15.11 -2.04
CA PRO C 703 0.84 -15.07 -3.49
C PRO C 703 1.99 -14.16 -3.91
N TYR C 704 2.20 -13.05 -3.20
CA TYR C 704 3.17 -12.06 -3.64
C TYR C 704 3.80 -11.37 -2.44
N ALA C 705 5.05 -10.97 -2.59
CA ALA C 705 5.77 -10.21 -1.58
C ALA C 705 6.67 -9.18 -2.25
N THR C 706 6.79 -8.01 -1.64
CA THR C 706 7.60 -6.95 -2.21
C THR C 706 9.07 -7.32 -2.15
N GLU C 707 9.82 -6.93 -3.18
CA GLU C 707 11.22 -7.31 -3.31
C GLU C 707 12.12 -6.27 -2.65
N TYR C 708 13.04 -6.73 -1.81
CA TYR C 708 14.05 -5.88 -1.18
C TYR C 708 13.43 -4.72 -0.42
N ARG C 709 12.32 -5.01 0.27
CA ARG C 709 11.63 -4.02 1.09
C ARG C 709 11.22 -4.69 2.40
N GLU C 710 10.62 -3.89 3.28
CA GLU C 710 10.11 -4.39 4.57
C GLU C 710 8.62 -4.68 4.40
N ASN C 711 8.25 -5.95 4.52
CA ASN C 711 6.86 -6.34 4.39
C ASN C 711 6.20 -6.42 5.77
N ARG C 712 4.93 -6.83 5.78
CA ARG C 712 4.17 -6.92 7.02
C ARG C 712 3.17 -8.06 6.86
N VAL C 713 3.44 -9.19 7.51
CA VAL C 713 2.58 -10.36 7.46
C VAL C 713 1.92 -10.52 8.81
N ALA C 714 0.59 -10.53 8.83
CA ALA C 714 -0.18 -10.61 10.06
C ALA C 714 -1.26 -11.67 9.94
N LEU C 715 -1.66 -12.20 11.09
CA LEU C 715 -2.72 -13.21 11.17
C LEU C 715 -3.92 -12.62 11.88
N ASP C 716 -5.11 -12.87 11.33
CA ASP C 716 -6.33 -12.30 11.87
C ASP C 716 -6.71 -13.03 13.15
N THR C 717 -6.68 -12.30 14.28
CA THR C 717 -7.05 -12.90 15.56
C THR C 717 -8.53 -13.29 15.58
N ASN C 718 -9.37 -12.57 14.84
CA ASN C 718 -10.77 -12.93 14.76
C ASN C 718 -10.96 -14.30 14.12
N THR C 719 -10.21 -14.58 13.06
CA THR C 719 -10.25 -15.90 12.42
C THR C 719 -9.42 -16.93 13.16
N LEU C 720 -8.58 -16.52 14.10
CA LEU C 720 -7.82 -17.48 14.90
C LEU C 720 -8.77 -18.35 15.71
N ALA C 721 -8.41 -19.61 15.88
CA ALA C 721 -9.23 -20.53 16.64
C ALA C 721 -9.31 -20.12 18.10
N ASP C 722 -10.44 -20.44 18.73
CA ASP C 722 -10.69 -20.03 20.11
C ASP C 722 -9.74 -20.68 21.11
N ASN C 723 -9.09 -21.79 20.75
CA ASN C 723 -8.16 -22.47 21.64
C ASN C 723 -6.71 -22.19 21.30
N VAL C 724 -6.44 -21.23 20.42
CA VAL C 724 -5.08 -20.93 19.97
C VAL C 724 -4.80 -19.45 20.18
N ASP C 725 -3.58 -19.15 20.61
CA ASP C 725 -3.12 -17.79 20.79
C ASP C 725 -1.76 -17.61 20.13
N LEU C 726 -1.45 -16.37 19.75
CA LEU C 726 -0.21 -16.03 19.08
C LEU C 726 0.56 -15.03 19.92
N ASP C 727 1.84 -15.32 20.18
CA ASP C 727 2.68 -14.39 20.92
C ASP C 727 3.01 -13.16 20.10
N ASN C 728 3.40 -13.36 18.84
CA ASN C 728 3.75 -12.28 17.91
C ASN C 728 2.97 -12.52 16.62
N ALA C 729 1.77 -11.94 16.54
CA ALA C 729 0.90 -12.19 15.39
C ALA C 729 1.45 -11.56 14.12
N VAL C 730 2.17 -10.44 14.23
CA VAL C 730 2.63 -9.69 13.08
C VAL C 730 4.16 -9.79 13.00
N ALA C 731 4.66 -10.06 11.80
CA ALA C 731 6.09 -10.14 11.54
C ALA C 731 6.41 -9.37 10.28
N ASN C 732 7.71 -9.15 10.06
CA ASN C 732 8.19 -8.43 8.89
C ASN C 732 9.29 -9.24 8.22
N VAL C 733 9.35 -9.15 6.89
CA VAL C 733 10.33 -9.90 6.11
C VAL C 733 10.94 -8.98 5.06
N VAL C 734 12.14 -9.34 4.63
CA VAL C 734 12.86 -8.64 3.57
C VAL C 734 13.29 -9.68 2.54
N PRO C 735 12.41 -10.07 1.61
CA PRO C 735 12.73 -11.18 0.72
C PRO C 735 13.49 -10.78 -0.52
N THR C 736 14.52 -11.56 -0.84
CA THR C 736 15.22 -11.42 -2.10
C THR C 736 14.32 -11.90 -3.25
N ARG C 737 14.58 -11.38 -4.45
CA ARG C 737 13.76 -11.73 -5.59
C ARG C 737 13.83 -13.23 -5.87
N GLY C 738 12.67 -13.83 -6.08
CA GLY C 738 12.60 -15.26 -6.35
C GLY C 738 12.95 -16.15 -5.18
N ALA C 739 12.88 -15.63 -3.96
CA ALA C 739 13.24 -16.38 -2.77
C ALA C 739 11.98 -16.73 -1.97
N ILE C 740 11.85 -18.00 -1.62
CA ILE C 740 10.76 -18.46 -0.76
C ILE C 740 11.19 -18.15 0.68
N VAL C 741 10.58 -17.14 1.29
CA VAL C 741 10.95 -16.71 2.63
C VAL C 741 9.95 -17.29 3.63
N ARG C 742 10.47 -18.00 4.63
CA ARG C 742 9.64 -18.68 5.61
C ARG C 742 9.54 -17.83 6.87
N ALA C 743 8.32 -17.46 7.24
CA ALA C 743 8.04 -16.70 8.45
C ALA C 743 7.25 -17.59 9.40
N GLU C 744 7.76 -17.76 10.62
CA GLU C 744 7.15 -18.65 11.59
C GLU C 744 6.42 -17.86 12.67
N PHE C 745 5.35 -18.45 13.18
CA PHE C 745 4.60 -17.86 14.30
C PHE C 745 4.37 -18.94 15.34
N LYS C 746 4.72 -18.65 16.58
CA LYS C 746 4.53 -19.60 17.67
C LYS C 746 3.07 -19.57 18.11
N ALA C 747 2.36 -20.67 17.86
CA ALA C 747 0.95 -20.79 18.20
C ALA C 747 0.83 -21.67 19.43
N ARG C 748 0.27 -21.13 20.50
CA ARG C 748 0.07 -21.87 21.74
C ARG C 748 -1.38 -22.33 21.83
N VAL C 749 -1.57 -23.64 21.99
CA VAL C 749 -2.90 -24.24 22.02
C VAL C 749 -3.22 -24.65 23.44
N GLY C 750 -4.42 -24.32 23.90
CA GLY C 750 -4.86 -24.63 25.23
C GLY C 750 -5.92 -23.65 25.69
N ILE C 751 -5.96 -23.43 27.00
CA ILE C 751 -6.97 -22.57 27.62
C ILE C 751 -6.32 -21.24 28.00
N LYS C 752 -7.01 -20.15 27.69
CA LYS C 752 -6.57 -18.81 28.07
C LYS C 752 -7.13 -18.46 29.44
N LEU C 753 -6.24 -18.15 30.38
CA LEU C 753 -6.65 -17.93 31.75
C LEU C 753 -5.91 -16.74 32.36
N LEU C 754 -6.67 -15.87 33.02
CA LEU C 754 -6.13 -14.72 33.74
C LEU C 754 -6.17 -15.06 35.23
N MET C 755 -5.03 -15.52 35.75
CA MET C 755 -4.94 -15.97 37.13
C MET C 755 -4.65 -14.79 38.05
N THR C 756 -5.44 -14.66 39.10
CA THR C 756 -5.15 -13.71 40.19
C THR C 756 -4.36 -14.48 41.22
N LEU C 757 -3.03 -14.35 41.14
CA LEU C 757 -2.12 -15.10 42.02
C LEU C 757 -1.70 -14.21 43.19
N THR C 758 -1.86 -14.73 44.40
CA THR C 758 -1.51 -14.01 45.61
C THR C 758 -0.49 -14.80 46.42
N HIS C 759 0.51 -14.10 46.95
CA HIS C 759 1.58 -14.70 47.73
C HIS C 759 1.57 -14.11 49.13
N ASN C 760 1.44 -14.98 50.14
CA ASN C 760 1.40 -14.57 51.54
C ASN C 760 0.36 -13.48 51.76
N ASN C 761 -0.89 -13.81 51.38
CA ASN C 761 -2.03 -12.90 51.39
C ASN C 761 -1.67 -11.51 50.90
N LYS C 762 -0.87 -11.44 49.83
CA LYS C 762 -0.44 -10.17 49.25
C LYS C 762 -0.20 -10.37 47.77
N PRO C 763 -0.54 -9.39 46.93
CA PRO C 763 -0.28 -9.52 45.50
C PRO C 763 1.21 -9.58 45.21
N LEU C 764 1.56 -10.29 44.13
CA LEU C 764 2.95 -10.46 43.77
C LEU C 764 3.55 -9.13 43.30
N PRO C 765 4.87 -8.96 43.45
CA PRO C 765 5.49 -7.72 43.00
C PRO C 765 5.33 -7.52 41.50
N PHE C 766 5.19 -6.26 41.11
CA PHE C 766 5.04 -5.91 39.70
C PHE C 766 6.32 -6.22 38.93
N GLY C 767 6.16 -6.79 37.74
CA GLY C 767 7.28 -7.12 36.88
C GLY C 767 7.86 -8.50 37.06
N ALA C 768 7.35 -9.29 38.00
CA ALA C 768 7.85 -10.64 38.20
C ALA C 768 7.49 -11.53 37.01
N MET C 769 8.30 -12.56 36.80
CA MET C 769 8.13 -13.46 35.66
C MET C 769 7.44 -14.75 36.08
N VAL C 770 6.61 -15.29 35.19
CA VAL C 770 5.93 -16.56 35.41
C VAL C 770 6.21 -17.45 34.22
N THR C 771 6.73 -18.65 34.49
CA THR C 771 7.08 -19.60 33.43
C THR C 771 6.37 -20.92 33.69
N SER C 772 5.71 -21.45 32.67
CA SER C 772 4.99 -22.71 32.81
C SER C 772 5.96 -23.89 32.80
N GLU C 773 5.59 -24.93 33.54
CA GLU C 773 6.36 -26.17 33.60
C GLU C 773 5.80 -27.25 32.68
N SER C 774 4.49 -27.49 32.75
CA SER C 774 3.87 -28.49 31.88
C SER C 774 4.01 -28.11 30.42
N SER C 775 3.79 -26.84 30.09
CA SER C 775 3.91 -26.34 28.74
C SER C 775 4.99 -25.27 28.67
N GLN C 776 5.20 -24.75 27.47
CA GLN C 776 6.20 -23.72 27.22
C GLN C 776 5.48 -22.39 27.04
N SER C 777 5.36 -21.64 28.14
CA SER C 777 4.71 -20.34 28.10
C SER C 777 5.31 -19.44 29.17
N SER C 778 5.26 -18.14 28.92
CA SER C 778 5.81 -17.15 29.83
C SER C 778 4.84 -15.98 29.94
N GLY C 779 4.93 -15.27 31.06
CA GLY C 779 4.05 -14.13 31.29
C GLY C 779 4.60 -13.23 32.37
N ILE C 780 3.96 -12.06 32.48
CA ILE C 780 4.34 -11.04 33.45
C ILE C 780 3.23 -10.93 34.49
N VAL C 781 3.64 -10.80 35.75
CA VAL C 781 2.67 -10.75 36.85
C VAL C 781 1.76 -9.53 36.72
N ALA C 782 2.34 -8.38 36.37
CA ALA C 782 1.62 -7.12 36.23
C ALA C 782 0.98 -6.68 37.54
N ASP C 783 -0.07 -5.87 37.46
CA ASP C 783 -0.69 -5.30 38.64
C ASP C 783 -1.67 -6.28 39.28
N ASN C 784 -1.76 -6.21 40.61
CA ASN C 784 -2.66 -7.04 41.41
C ASN C 784 -2.42 -8.53 41.21
N GLY C 785 -1.26 -8.90 40.69
CA GLY C 785 -0.96 -10.30 40.43
C GLY C 785 -1.88 -10.93 39.41
N GLN C 786 -2.30 -10.18 38.40
CA GLN C 786 -3.16 -10.71 37.34
C GLN C 786 -2.27 -11.13 36.18
N VAL C 787 -1.92 -12.41 36.14
CA VAL C 787 -1.03 -12.94 35.12
C VAL C 787 -1.86 -13.66 34.06
N TYR C 788 -1.60 -13.36 32.79
CA TYR C 788 -2.32 -13.93 31.68
C TYR C 788 -1.50 -15.06 31.07
N LEU C 789 -2.07 -16.27 31.05
CA LEU C 789 -1.39 -17.44 30.52
C LEU C 789 -2.22 -18.06 29.42
N SER C 790 -1.53 -18.61 28.42
CA SER C 790 -2.16 -19.25 27.27
C SER C 790 -1.60 -20.65 27.10
N GLY C 791 -2.41 -21.54 26.54
CA GLY C 791 -1.99 -22.90 26.30
C GLY C 791 -1.73 -23.70 27.55
N MET C 792 -2.58 -23.53 28.57
CA MET C 792 -2.31 -24.26 29.80
C MET C 792 -3.25 -25.45 29.93
N PRO C 793 -2.79 -26.55 30.52
CA PRO C 793 -3.63 -27.73 30.71
C PRO C 793 -4.60 -27.53 31.86
N LEU C 794 -5.36 -28.58 32.16
CA LEU C 794 -6.37 -28.52 33.21
C LEU C 794 -5.77 -28.55 34.62
N ALA C 795 -4.48 -28.81 34.75
CA ALA C 795 -3.84 -28.88 36.06
C ALA C 795 -2.38 -28.46 35.90
N GLY C 796 -1.59 -28.71 36.95
CA GLY C 796 -0.18 -28.39 36.93
C GLY C 796 0.14 -27.14 37.72
N LYS C 797 1.43 -26.80 37.72
CA LYS C 797 1.94 -25.64 38.44
C LYS C 797 2.97 -24.94 37.57
N VAL C 798 3.26 -23.68 37.94
CA VAL C 798 4.24 -22.89 37.21
C VAL C 798 5.30 -22.39 38.20
N GLN C 799 6.30 -21.68 37.68
CA GLN C 799 7.36 -21.10 38.50
C GLN C 799 7.29 -19.58 38.41
N VAL C 800 7.24 -18.93 39.56
CA VAL C 800 7.17 -17.47 39.66
C VAL C 800 8.50 -16.99 40.22
N LYS C 801 9.16 -16.09 39.50
CA LYS C 801 10.46 -15.55 39.88
C LYS C 801 10.36 -14.04 40.04
N TRP C 802 10.84 -13.55 41.17
CA TRP C 802 10.86 -12.11 41.44
C TRP C 802 12.14 -11.69 42.15
N ALA C 808 13.51 -16.01 45.96
CA ALA C 808 12.53 -15.25 45.19
C ALA C 808 11.84 -16.13 44.15
N HIS C 809 11.59 -17.38 44.52
CA HIS C 809 10.95 -18.36 43.66
C HIS C 809 9.72 -18.94 44.35
N CYS C 810 8.71 -19.26 43.56
CA CYS C 810 7.48 -19.81 44.11
C CYS C 810 6.84 -20.75 43.09
N VAL C 811 5.99 -21.64 43.59
CA VAL C 811 5.22 -22.56 42.77
C VAL C 811 3.76 -22.47 43.20
N ALA C 812 2.86 -22.67 42.24
CA ALA C 812 1.42 -22.56 42.50
C ALA C 812 0.69 -23.55 41.61
N ASN C 813 0.17 -24.61 42.21
CA ASN C 813 -0.63 -25.59 41.47
C ASN C 813 -2.06 -25.09 41.30
N TYR C 814 -2.71 -25.55 40.24
CA TYR C 814 -4.08 -25.15 39.95
C TYR C 814 -4.85 -26.33 39.39
N GLN C 815 -6.18 -26.23 39.50
CA GLN C 815 -7.10 -27.21 38.93
C GLN C 815 -8.19 -26.48 38.16
N LEU C 816 -8.67 -27.12 37.09
CA LEU C 816 -9.65 -26.46 36.25
C LEU C 816 -10.92 -27.28 36.13
N PRO C 817 -12.08 -26.64 36.02
CA PRO C 817 -13.34 -27.35 35.79
C PRO C 817 -13.38 -27.93 34.39
N PRO C 818 -14.23 -28.93 34.15
CA PRO C 818 -14.32 -29.50 32.79
C PRO C 818 -14.82 -28.52 31.74
N GLU C 819 -15.49 -27.45 32.15
CA GLU C 819 -15.99 -26.43 31.23
C GLU C 819 -14.98 -25.33 30.96
N SER C 820 -13.74 -25.47 31.46
CA SER C 820 -12.73 -24.46 31.21
C SER C 820 -12.41 -24.33 29.73
N GLN C 821 -12.34 -25.47 29.02
CA GLN C 821 -12.11 -25.43 27.58
C GLN C 821 -13.26 -24.74 26.86
N GLN C 822 -14.50 -25.02 27.28
CA GLN C 822 -15.65 -24.38 26.67
C GLN C 822 -15.63 -22.87 26.88
N GLN C 823 -15.30 -22.43 28.10
CA GLN C 823 -15.21 -21.01 28.38
C GLN C 823 -14.02 -20.40 27.65
N LEU C 824 -14.24 -19.23 27.03
CA LEU C 824 -13.18 -18.58 26.27
C LEU C 824 -12.05 -18.13 27.17
N LEU C 825 -12.37 -17.53 28.32
CA LEU C 825 -11.38 -17.05 29.27
C LEU C 825 -11.71 -17.58 30.65
N THR C 826 -10.70 -18.07 31.37
CA THR C 826 -10.88 -18.64 32.69
C THR C 826 -10.21 -17.75 33.73
N GLN C 827 -10.96 -17.35 34.75
CA GLN C 827 -10.46 -16.51 35.83
C GLN C 827 -10.47 -17.32 37.12
N LEU C 828 -9.30 -17.53 37.71
CA LEU C 828 -9.16 -18.29 38.94
C LEU C 828 -8.21 -17.60 39.90
N SER C 829 -8.43 -17.83 41.19
CA SER C 829 -7.60 -17.26 42.25
C SER C 829 -6.57 -18.31 42.65
N ALA C 830 -5.30 -18.01 42.41
CA ALA C 830 -4.22 -18.93 42.72
C ALA C 830 -3.45 -18.46 43.94
N GLU C 831 -2.95 -19.42 44.72
CA GLU C 831 -2.21 -19.15 45.94
C GLU C 831 -0.77 -19.64 45.78
N CYS C 832 0.19 -18.78 46.14
CA CYS C 832 1.60 -19.10 46.03
C CYS C 832 2.05 -19.95 47.22
N ARG C 833 3.32 -20.32 47.20
CA ARG C 833 3.90 -21.13 48.27
C ARG C 833 4.05 -20.31 49.56
N LEU D 8 -8.24 -2.55 -28.99
CA LEU D 8 -9.41 -3.21 -28.41
C LEU D 8 -9.64 -2.76 -26.98
N PRO D 9 -10.83 -2.21 -26.71
CA PRO D 9 -11.16 -1.82 -25.34
C PRO D 9 -11.15 -3.02 -24.40
N GLY D 10 -10.74 -2.78 -23.16
CA GLY D 10 -10.67 -3.83 -22.17
C GLY D 10 -11.91 -3.88 -21.28
N GLY D 11 -11.74 -3.52 -20.01
CA GLY D 11 -12.86 -3.53 -19.09
C GLY D 11 -12.59 -2.64 -17.90
N ASN D 12 -13.69 -2.25 -17.25
CA ASN D 12 -13.60 -1.38 -16.09
C ASN D 12 -12.96 -2.11 -14.91
N MET D 13 -12.14 -1.39 -14.15
CA MET D 13 -11.45 -1.92 -12.99
C MET D 13 -11.69 -1.00 -11.80
N GLN D 14 -11.93 -1.59 -10.64
CA GLN D 14 -12.27 -0.87 -9.43
C GLN D 14 -11.20 -1.09 -8.37
N PHE D 15 -10.90 -0.03 -7.61
CA PHE D 15 -9.97 -0.08 -6.50
C PHE D 15 -10.71 0.34 -5.24
N GLN D 16 -10.68 -0.51 -4.22
CA GLN D 16 -11.33 -0.24 -2.95
C GLN D 16 -10.27 -0.09 -1.86
N GLY D 17 -10.56 0.75 -0.87
CA GLY D 17 -9.63 0.94 0.23
C GLY D 17 -10.09 2.06 1.14
N VAL D 18 -9.65 1.98 2.39
CA VAL D 18 -10.01 2.95 3.41
C VAL D 18 -8.74 3.36 4.16
N ILE D 19 -8.65 4.65 4.48
CA ILE D 19 -7.53 5.22 5.22
C ILE D 19 -8.04 5.64 6.59
N ILE D 20 -7.31 5.29 7.64
CA ILE D 20 -7.71 5.58 9.01
C ILE D 20 -6.57 6.33 9.72
N ALA D 21 -6.95 7.34 10.51
CA ALA D 21 -5.98 8.08 11.31
C ALA D 21 -5.54 7.27 12.52
N GLU D 22 -4.41 7.67 13.10
CA GLU D 22 -3.80 6.91 14.19
C GLU D 22 -3.15 7.86 15.19
N THR D 23 -2.72 7.28 16.31
CA THR D 23 -2.10 8.04 17.38
C THR D 23 -0.73 8.55 16.95
N CYS D 24 -0.43 9.79 17.35
CA CYS D 24 0.88 10.36 17.07
C CYS D 24 1.98 9.61 17.80
N ARG D 25 3.09 9.37 17.11
CA ARG D 25 4.26 8.81 17.77
C ARG D 25 4.83 9.81 18.77
N ILE D 26 5.09 9.31 19.98
CA ILE D 26 5.49 10.15 21.11
C ILE D 26 6.84 9.68 21.60
N GLU D 27 7.78 10.61 21.75
CA GLU D 27 9.12 10.28 22.21
C GLU D 27 9.68 11.47 22.98
N ALA D 28 10.94 11.35 23.40
CA ALA D 28 11.63 12.41 24.11
C ALA D 28 13.00 12.64 23.48
N GLY D 29 13.49 13.87 23.60
CA GLY D 29 14.83 14.17 23.13
C GLY D 29 15.88 13.34 23.82
N ASP D 30 15.73 13.16 25.13
CA ASP D 30 16.60 12.26 25.88
C ASP D 30 16.13 10.82 25.71
N LYS D 31 17.07 9.92 25.49
CA LYS D 31 16.74 8.51 25.29
C LYS D 31 16.27 7.87 26.58
N GLN D 32 15.69 6.67 26.44
CA GLN D 32 15.26 5.81 27.54
C GLN D 32 14.10 6.40 28.34
N MET D 33 13.55 7.53 27.92
CA MET D 33 12.48 8.22 28.67
C MET D 33 12.91 8.45 30.11
N THR D 34 14.15 8.89 30.28
CA THR D 34 14.76 9.09 31.59
C THR D 34 15.39 10.47 31.63
N VAL D 35 15.14 11.19 32.72
CA VAL D 35 15.69 12.53 32.93
C VAL D 35 16.72 12.43 34.04
N ASN D 36 17.94 12.89 33.76
CA ASN D 36 19.03 12.86 34.72
C ASN D 36 18.91 14.10 35.60
N MET D 37 18.23 13.94 36.74
CA MET D 37 18.03 15.07 37.65
C MET D 37 19.34 15.51 38.28
N GLY D 38 20.20 14.56 38.62
CA GLY D 38 21.46 14.86 39.28
C GLY D 38 21.38 14.69 40.78
N GLN D 39 22.55 14.64 41.41
CA GLN D 39 22.62 14.48 42.86
C GLN D 39 22.11 15.72 43.56
N ILE D 40 21.34 15.50 44.64
CA ILE D 40 20.79 16.62 45.40
C ILE D 40 21.86 17.22 46.31
N SER D 41 21.58 18.43 46.79
CA SER D 41 22.50 19.12 47.68
C SER D 41 21.86 19.38 49.03
N SER D 52 14.94 23.41 42.30
CA SER D 52 16.18 24.16 42.49
C SER D 52 17.07 24.08 41.26
N ALA D 53 17.45 22.86 40.89
CA ALA D 53 18.29 22.66 39.72
C ALA D 53 17.41 22.49 38.48
N PRO D 54 17.49 23.39 37.50
CA PRO D 54 16.64 23.29 36.30
C PRO D 54 17.20 22.26 35.33
N VAL D 55 16.44 21.20 35.09
CA VAL D 55 16.78 20.19 34.10
C VAL D 55 15.72 20.21 33.01
N PRO D 56 16.04 20.75 31.84
CA PRO D 56 15.06 20.79 30.75
C PRO D 56 15.05 19.52 29.93
N PHE D 57 13.86 19.09 29.53
CA PHE D 57 13.70 17.95 28.65
C PHE D 57 12.52 18.21 27.71
N VAL D 58 12.68 17.75 26.47
CA VAL D 58 11.72 18.02 25.40
C VAL D 58 11.02 16.73 25.01
N ILE D 59 9.70 16.80 24.88
CA ILE D 59 8.87 15.69 24.43
C ILE D 59 8.37 16.03 23.03
N HIS D 60 8.54 15.09 22.11
CA HIS D 60 8.20 15.28 20.71
C HIS D 60 7.01 14.41 20.33
N LEU D 61 6.13 14.95 19.50
CA LEU D 61 4.96 14.26 18.96
C LEU D 61 5.04 14.37 17.45
N ARG D 62 5.57 13.33 16.80
CA ARG D 62 5.73 13.31 15.36
C ARG D 62 4.90 12.17 14.76
N GLU D 63 5.07 11.99 13.45
CA GLU D 63 4.47 10.85 12.73
C GLU D 63 2.95 10.86 12.83
N CYS D 64 2.35 12.00 12.54
CA CYS D 64 0.89 12.14 12.49
C CYS D 64 0.55 13.48 11.87
N SER D 65 -0.74 13.70 11.67
CA SER D 65 -1.22 14.92 11.06
C SER D 65 -1.30 16.06 12.07
N THR D 66 -1.32 17.29 11.56
CA THR D 66 -1.35 18.46 12.42
C THR D 66 -2.64 18.53 13.23
N VAL D 67 -3.77 18.18 12.61
CA VAL D 67 -5.05 18.24 13.32
C VAL D 67 -5.05 17.26 14.49
N VAL D 68 -4.61 16.02 14.25
CA VAL D 68 -4.56 15.03 15.31
C VAL D 68 -3.58 15.45 16.39
N SER D 69 -2.43 15.99 16.00
CA SER D 69 -1.45 16.42 16.97
C SER D 69 -1.99 17.54 17.85
N GLU D 70 -2.74 18.48 17.26
CA GLU D 70 -3.26 19.60 18.03
C GLU D 70 -4.44 19.22 18.90
N ARG D 71 -5.28 18.29 18.45
CA ARG D 71 -6.46 17.89 19.21
C ARG D 71 -6.11 16.76 20.17
N VAL D 72 -5.31 17.12 21.18
CA VAL D 72 -4.91 16.21 22.23
C VAL D 72 -5.08 16.89 23.58
N GLY D 73 -5.05 16.08 24.64
CA GLY D 73 -5.11 16.59 25.99
C GLY D 73 -3.97 16.05 26.84
N VAL D 74 -3.18 16.93 27.45
CA VAL D 74 -1.98 16.57 28.18
C VAL D 74 -2.27 16.61 29.67
N ALA D 75 -1.85 15.56 30.39
CA ALA D 75 -2.01 15.51 31.84
C ALA D 75 -0.84 14.76 32.45
N PHE D 76 -0.66 14.96 33.75
CA PHE D 76 0.42 14.34 34.51
C PHE D 76 -0.16 13.53 35.66
N HIS D 77 0.42 12.36 35.89
CA HIS D 77 0.01 11.50 37.00
C HIS D 77 1.25 10.97 37.71
N GLY D 78 1.06 10.61 38.96
CA GLY D 78 2.17 10.05 39.74
C GLY D 78 1.76 9.85 41.17
N VAL D 79 2.73 9.41 41.97
CA VAL D 79 2.54 9.21 43.39
C VAL D 79 2.66 10.56 44.10
N ALA D 80 1.60 10.97 44.78
CA ALA D 80 1.61 12.25 45.47
C ALA D 80 2.43 12.16 46.76
N ASP D 81 3.18 13.22 47.04
CA ASP D 81 3.93 13.29 48.28
C ASP D 81 2.99 13.37 49.48
N GLY D 82 3.42 12.79 50.59
CA GLY D 82 2.58 12.79 51.78
C GLY D 82 2.30 14.19 52.31
N LYS D 83 3.28 15.09 52.19
CA LYS D 83 3.12 16.46 52.65
C LYS D 83 2.49 17.35 51.60
N ASN D 84 3.01 17.32 50.37
CA ASN D 84 2.51 18.16 49.28
C ASN D 84 1.96 17.28 48.17
N PRO D 85 0.65 17.11 48.06
CA PRO D 85 0.10 16.28 46.98
C PRO D 85 0.39 16.81 45.59
N ASP D 86 0.70 18.10 45.45
CA ASP D 86 0.99 18.69 44.15
C ASP D 86 2.44 18.49 43.71
N VAL D 87 3.27 17.86 44.54
CA VAL D 87 4.66 17.60 44.23
C VAL D 87 4.86 16.09 44.13
N LEU D 88 5.45 15.65 43.02
CA LEU D 88 5.69 14.23 42.82
C LEU D 88 6.69 13.71 43.85
N SER D 89 6.38 12.55 44.43
CA SER D 89 7.24 11.94 45.43
C SER D 89 8.49 11.34 44.80
N ILE D 100 12.08 15.93 50.24
CA ILE D 100 12.49 16.33 48.89
C ILE D 100 11.49 15.82 47.87
N GLY D 101 11.39 16.52 46.74
CA GLY D 101 10.48 16.11 45.68
C GLY D 101 10.85 16.76 44.38
N VAL D 102 10.17 16.34 43.33
CA VAL D 102 10.41 16.79 41.96
C VAL D 102 9.20 17.58 41.49
N ALA D 103 9.44 18.79 40.98
CA ALA D 103 8.39 19.63 40.43
C ALA D 103 8.66 19.88 38.95
N LEU D 104 7.59 20.11 38.20
CA LEU D 104 7.67 20.31 36.76
C LEU D 104 7.09 21.66 36.39
N PHE D 105 7.77 22.36 35.48
CA PHE D 105 7.32 23.67 35.01
C PHE D 105 7.32 23.69 33.50
N ASP D 106 6.40 24.47 32.93
CA ASP D 106 6.25 24.56 31.49
C ASP D 106 7.17 25.63 30.93
N ASP D 107 6.97 25.98 29.66
CA ASP D 107 7.79 27.02 29.04
C ASP D 107 7.59 28.37 29.71
N GLU D 108 6.34 28.71 30.04
CA GLU D 108 6.07 29.98 30.71
C GLU D 108 6.71 30.03 32.09
N GLY D 109 6.65 28.92 32.82
CA GLY D 109 7.22 28.87 34.16
C GLY D 109 6.18 28.61 35.22
N ASN D 110 4.93 28.39 34.81
CA ASN D 110 3.86 28.09 35.74
C ASN D 110 3.98 26.68 36.28
N LEU D 111 3.61 26.52 37.55
CA LEU D 111 3.62 25.20 38.17
C LEU D 111 2.53 24.32 37.58
N VAL D 112 2.88 23.08 37.28
CA VAL D 112 1.97 22.12 36.68
C VAL D 112 1.60 21.09 37.75
N PRO D 113 0.40 21.14 38.31
CA PRO D 113 0.00 20.15 39.31
C PRO D 113 -0.18 18.77 38.68
N ILE D 114 0.01 17.74 39.50
CA ILE D 114 -0.15 16.37 39.05
C ILE D 114 -1.57 15.90 39.36
N ASN D 115 -1.99 14.83 38.67
CA ASN D 115 -3.32 14.26 38.82
C ASN D 115 -4.40 15.30 38.55
N ARG D 116 -4.34 15.87 37.35
CA ARG D 116 -5.25 16.92 36.93
C ARG D 116 -5.85 16.56 35.57
N PRO D 117 -7.07 17.05 35.28
CA PRO D 117 -7.72 16.80 33.99
C PRO D 117 -6.94 17.40 32.82
N THR D 129 4.12 20.78 18.78
CA THR D 129 4.43 19.36 18.67
C THR D 129 5.61 18.99 19.56
N SER D 130 6.38 20.00 19.97
CA SER D 130 7.51 19.82 20.87
C SER D 130 7.24 20.63 22.14
N LEU D 131 7.23 19.94 23.28
CA LEU D 131 6.96 20.57 24.56
C LEU D 131 8.17 20.45 25.47
N HIS D 132 8.67 21.58 25.96
CA HIS D 132 9.84 21.62 26.82
C HIS D 132 9.38 21.79 28.27
N PHE D 133 9.78 20.87 29.13
CA PHE D 133 9.42 20.89 30.54
C PHE D 133 10.70 20.92 31.37
N ILE D 134 10.70 21.74 32.42
CA ILE D 134 11.86 21.90 33.29
C ILE D 134 11.55 21.22 34.62
N ALA D 135 12.41 20.29 35.01
CA ALA D 135 12.30 19.62 36.30
C ALA D 135 13.17 20.34 37.33
N LYS D 136 12.63 20.47 38.53
CA LYS D 136 13.29 21.16 39.63
C LYS D 136 13.18 20.33 40.90
N TYR D 137 14.13 20.53 41.80
CA TYR D 137 14.14 19.86 43.10
C TYR D 137 13.58 20.81 44.15
N ARG D 138 12.53 20.38 44.84
CA ARG D 138 11.87 21.19 45.85
C ARG D 138 12.01 20.52 47.20
N ALA D 139 12.51 21.26 48.19
CA ALA D 139 12.68 20.72 49.54
C ALA D 139 11.33 20.58 50.23
N THR D 140 11.11 19.44 50.85
CA THR D 140 9.85 19.19 51.56
C THR D 140 10.10 18.97 53.05
N ALA D 149 17.44 8.47 45.23
CA ALA D 149 16.19 9.17 44.94
C ALA D 149 15.73 8.91 43.51
N ASN D 150 14.67 8.11 43.37
CA ASN D 150 14.10 7.76 42.08
C ASN D 150 12.61 8.03 42.09
N ALA D 151 12.11 8.56 40.98
CA ALA D 151 10.69 8.87 40.84
C ALA D 151 10.22 8.44 39.46
N GLN D 152 8.93 8.15 39.36
CA GLN D 152 8.30 7.77 38.10
C GLN D 152 7.06 8.62 37.88
N ALA D 153 6.87 9.06 36.63
CA ALA D 153 5.75 9.92 36.28
C ALA D 153 5.03 9.34 35.06
N TRP D 154 3.75 9.66 34.94
CA TRP D 154 2.91 9.20 33.85
C TRP D 154 2.45 10.41 33.05
N PHE D 155 3.00 10.57 31.85
CA PHE D 155 2.57 11.58 30.91
C PHE D 155 1.43 10.99 30.10
N SER D 156 0.22 11.53 30.29
CA SER D 156 -0.98 10.96 29.71
C SER D 156 -1.52 11.89 28.63
N LEU D 157 -1.75 11.33 27.45
CA LEU D 157 -2.30 12.05 26.31
C LEU D 157 -3.63 11.44 25.92
N THR D 158 -4.69 12.24 25.98
CA THR D 158 -6.04 11.81 25.65
C THR D 158 -6.40 12.33 24.27
N TYR D 159 -6.87 11.43 23.40
CA TYR D 159 -7.18 11.77 22.02
C TYR D 159 -8.68 11.96 21.87
N GLN D 160 -9.08 13.13 21.39
CA GLN D 160 -10.50 13.43 21.20
C GLN D 160 -11.03 12.78 19.93
#